data_6J1O
#
_entry.id   6J1O
#
_cell.length_a   160.240
_cell.length_b   62.080
_cell.length_c   113.620
_cell.angle_alpha   90.00
_cell.angle_beta   113.22
_cell.angle_gamma   90.00
#
_symmetry.space_group_name_H-M   'C 1 2 1'
#
loop_
_entity.id
_entity.type
_entity.pdbx_description
1 polymer 'O-methyltransferase lepI'
2 non-polymer S-ADENOSYLMETHIONINE
3 non-polymer "5'-DEOXY-5'-METHYLTHIOADENOSINE"
4 water water
#
_entity_poly.entity_id   1
_entity_poly.type   'polypeptide(L)'
_entity_poly.pdbx_seq_one_letter_code
;METVAAIKTLIQQLAQSTDQFGRAEINDALRELQYSLETPFDTVMRMSLDTCQVAVARIGSDLGLFKHLSQCASPQSAEE
LADHLGCGRELMSRLLRYMASVRMVQQTDDIKYISSNITQTLAVPGLEAGMRHAFENLWPVLMALPDFLAERKYPDIVDA
KDTAFQKAFNTDQDCFHWLATQPTRIANFKVLLTDERTPNFLSTFPLEKELGSWSAEPEKALFVDIGGGMGHACIRLREK
YPNQPGRVILQDLPPVLQAAQATLPLSGIESMPHNFHTPQPVQGAKFYFLRLILRDFPDHQALEILQNIVPAMDAESRIV
IDDGVPPEKGARWAETGTDICIMSALGSKERTQRQWEELAAKAGLQLQALYQYTWPVVNAAMVFSLQ
;
_entity_poly.pdbx_strand_id   A,B
#
loop_
_chem_comp.id
_chem_comp.type
_chem_comp.name
_chem_comp.formula
MTA non-polymer 5'-DEOXY-5'-METHYLTHIOADENOSINE 'C11 H15 N5 O3 S'
SAM non-polymer S-ADENOSYLMETHIONINE 'C15 H22 N6 O5 S'
#
# COMPACT_ATOMS: atom_id res chain seq x y z
N MET A 1 16.71 -8.60 -18.50
CA MET A 1 18.13 -8.91 -18.60
C MET A 1 18.42 -10.35 -18.18
N GLU A 2 19.57 -10.85 -18.61
CA GLU A 2 19.96 -12.22 -18.25
C GLU A 2 20.21 -12.33 -16.75
N THR A 3 20.74 -11.27 -16.13
CA THR A 3 20.99 -11.29 -14.70
C THR A 3 19.70 -11.38 -13.89
N VAL A 4 18.70 -10.55 -14.20
CA VAL A 4 17.45 -10.63 -13.44
C VAL A 4 16.77 -11.98 -13.68
N ALA A 5 16.83 -12.51 -14.91
CA ALA A 5 16.25 -13.82 -15.15
C ALA A 5 16.94 -14.89 -14.30
N ALA A 6 18.27 -14.78 -14.14
CA ALA A 6 18.99 -15.74 -13.33
C ALA A 6 18.66 -15.58 -11.85
N ILE A 7 18.51 -14.34 -11.37
CA ILE A 7 18.07 -14.11 -10.00
C ILE A 7 16.71 -14.80 -9.77
N LYS A 8 15.78 -14.59 -10.69
CA LYS A 8 14.46 -15.19 -10.54
C LYS A 8 14.55 -16.71 -10.50
N THR A 9 15.32 -17.30 -11.42
CA THR A 9 15.47 -18.76 -11.41
C THR A 9 16.02 -19.25 -10.08
N LEU A 10 17.05 -18.60 -9.57
CA LEU A 10 17.69 -19.12 -8.36
C LEU A 10 16.80 -18.94 -7.14
N ILE A 11 16.10 -17.81 -7.03
CA ILE A 11 15.19 -17.63 -5.90
C ILE A 11 14.01 -18.58 -5.99
N GLN A 12 13.49 -18.83 -7.20
CA GLN A 12 12.42 -19.82 -7.34
C GLN A 12 12.88 -21.20 -6.91
N GLN A 13 14.09 -21.59 -7.28
CA GLN A 13 14.59 -22.90 -6.90
C GLN A 13 14.83 -22.99 -5.39
N LEU A 14 15.40 -21.95 -4.79
CA LEU A 14 15.57 -21.94 -3.34
C LEU A 14 14.23 -22.02 -2.63
N ALA A 15 13.22 -21.32 -3.16
CA ALA A 15 11.90 -21.35 -2.55
C ALA A 15 11.29 -22.75 -2.64
N GLN A 16 11.46 -23.41 -3.78
CA GLN A 16 10.98 -24.79 -3.91
C GLN A 16 11.72 -25.73 -2.96
N SER A 17 12.99 -25.44 -2.68
CA SER A 17 13.78 -26.37 -1.87
C SER A 17 13.32 -26.43 -0.42
N THR A 18 12.73 -25.35 0.09
CA THR A 18 12.43 -25.22 1.51
C THR A 18 10.93 -25.44 1.74
N ASP A 19 10.46 -25.18 2.97
CA ASP A 19 9.07 -25.37 3.32
C ASP A 19 8.38 -24.00 3.38
N GLN A 20 7.13 -23.98 3.84
CA GLN A 20 6.37 -22.73 3.79
C GLN A 20 6.98 -21.67 4.69
N PHE A 21 7.61 -22.08 5.79
CA PHE A 21 8.21 -21.09 6.69
C PHE A 21 9.48 -20.53 6.08
N GLY A 22 10.29 -21.38 5.45
CA GLY A 22 11.44 -20.89 4.72
C GLY A 22 11.05 -19.95 3.59
N ARG A 23 9.94 -20.25 2.91
CA ARG A 23 9.47 -19.35 1.86
C ARG A 23 9.03 -18.01 2.43
N ALA A 24 8.37 -18.02 3.60
CA ALA A 24 8.00 -16.76 4.22
C ALA A 24 9.22 -15.92 4.59
N GLU A 25 10.28 -16.59 5.09
CA GLU A 25 11.52 -15.88 5.38
C GLU A 25 12.14 -15.28 4.12
N ILE A 26 12.16 -16.05 3.02
CA ILE A 26 12.69 -15.53 1.77
C ILE A 26 11.89 -14.32 1.31
N ASN A 27 10.56 -14.39 1.39
CA ASN A 27 9.75 -13.26 0.94
C ASN A 27 10.01 -12.01 1.77
N ASP A 28 10.13 -12.15 3.09
CA ASP A 28 10.46 -10.98 3.90
C ASP A 28 11.81 -10.41 3.50
N ALA A 29 12.77 -11.28 3.19
CA ALA A 29 14.09 -10.81 2.74
C ALA A 29 13.99 -10.06 1.43
N LEU A 30 13.15 -10.53 0.51
CA LEU A 30 12.99 -9.83 -0.76
C LEU A 30 12.41 -8.44 -0.53
N ARG A 31 11.47 -8.32 0.40
CA ARG A 31 10.90 -7.01 0.72
C ARG A 31 11.98 -6.08 1.29
N GLU A 32 12.75 -6.57 2.27
CA GLU A 32 13.82 -5.76 2.84
C GLU A 32 14.83 -5.32 1.78
N LEU A 33 15.17 -6.22 0.85
CA LEU A 33 16.09 -5.85 -0.22
C LEU A 33 15.50 -4.75 -1.10
N GLN A 34 14.23 -4.91 -1.48
CA GLN A 34 13.55 -3.89 -2.26
CA GLN A 34 13.56 -3.88 -2.27
C GLN A 34 13.66 -2.52 -1.58
N TYR A 35 13.31 -2.47 -0.30
CA TYR A 35 13.31 -1.19 0.41
C TYR A 35 14.71 -0.61 0.53
N SER A 36 15.72 -1.47 0.72
CA SER A 36 17.08 -0.95 0.88
C SER A 36 17.69 -0.51 -0.44
N LEU A 37 17.23 -1.03 -1.58
CA LEU A 37 17.83 -0.71 -2.86
C LEU A 37 17.07 0.33 -3.67
N GLU A 38 15.85 0.69 -3.26
CA GLU A 38 15.10 1.70 -3.98
CA GLU A 38 15.08 1.71 -3.95
C GLU A 38 15.72 3.08 -3.80
N THR A 39 15.52 3.94 -4.79
CA THR A 39 15.97 5.33 -4.67
C THR A 39 14.98 6.10 -3.81
N PRO A 40 15.35 7.29 -3.33
CA PRO A 40 14.38 8.12 -2.59
C PRO A 40 13.10 8.35 -3.37
N PHE A 41 13.24 8.71 -4.65
CA PHE A 41 12.08 8.87 -5.52
C PHE A 41 11.26 7.59 -5.57
N ASP A 42 11.92 6.44 -5.72
CA ASP A 42 11.24 5.16 -5.72
C ASP A 42 10.43 4.95 -4.45
N THR A 43 11.02 5.29 -3.29
CA THR A 43 10.32 5.13 -2.02
C THR A 43 9.01 5.89 -2.04
N VAL A 44 9.06 7.16 -2.47
CA VAL A 44 7.83 7.96 -2.47
C VAL A 44 6.83 7.44 -3.50
N MET A 45 7.32 7.01 -4.67
CA MET A 45 6.43 6.47 -5.68
C MET A 45 5.76 5.20 -5.19
N ARG A 46 6.52 4.33 -4.52
CA ARG A 46 5.97 3.08 -4.00
C ARG A 46 4.90 3.35 -2.96
N MET A 47 5.19 4.24 -2.00
CA MET A 47 4.18 4.57 -1.01
C MET A 47 2.96 5.22 -1.66
N SER A 48 3.17 6.03 -2.69
CA SER A 48 2.07 6.73 -3.36
C SER A 48 1.18 5.77 -4.14
N LEU A 49 1.79 4.76 -4.78
CA LEU A 49 1.07 3.96 -5.76
C LEU A 49 0.63 2.59 -5.26
N ASP A 50 1.28 2.03 -4.24
CA ASP A 50 0.84 0.72 -3.78
C ASP A 50 -0.57 0.79 -3.21
N THR A 51 -1.02 1.98 -2.81
CA THR A 51 -2.40 2.26 -2.45
C THR A 51 -3.40 1.81 -3.53
N CYS A 52 -3.00 1.92 -4.79
CA CYS A 52 -3.89 1.58 -5.89
C CYS A 52 -4.37 0.13 -5.84
N GLN A 53 -3.57 -0.77 -5.26
CA GLN A 53 -3.88 -2.19 -5.38
C GLN A 53 -5.20 -2.54 -4.71
N VAL A 54 -5.46 -1.97 -3.52
CA VAL A 54 -6.69 -2.30 -2.80
C VAL A 54 -7.90 -1.75 -3.54
N ALA A 55 -7.80 -0.53 -4.06
CA ALA A 55 -8.94 0.04 -4.80
C ALA A 55 -9.22 -0.75 -6.06
N VAL A 56 -8.16 -1.14 -6.77
CA VAL A 56 -8.36 -1.85 -8.03
C VAL A 56 -8.83 -3.27 -7.79
N ALA A 57 -8.38 -3.89 -6.70
CA ALA A 57 -8.92 -5.20 -6.33
C ALA A 57 -10.40 -5.10 -5.97
N ARG A 58 -10.77 -4.00 -5.30
CA ARG A 58 -12.18 -3.78 -4.97
C ARG A 58 -13.01 -3.64 -6.25
N ILE A 59 -12.47 -2.94 -7.25
CA ILE A 59 -13.18 -2.81 -8.52
C ILE A 59 -13.31 -4.17 -9.22
N GLY A 60 -12.22 -4.91 -9.28
CA GLY A 60 -12.26 -6.23 -9.91
C GLY A 60 -13.24 -7.15 -9.22
N SER A 61 -13.33 -7.05 -7.89
CA SER A 61 -14.30 -7.83 -7.13
C SER A 61 -15.73 -7.41 -7.46
N ASP A 62 -15.97 -6.10 -7.51
CA ASP A 62 -17.30 -5.60 -7.87
C ASP A 62 -17.72 -6.11 -9.26
N LEU A 63 -16.76 -6.18 -10.18
CA LEU A 63 -17.06 -6.64 -11.54
C LEU A 63 -17.15 -8.16 -11.66
N GLY A 64 -16.70 -8.91 -10.66
CA GLY A 64 -16.59 -10.34 -10.82
C GLY A 64 -15.45 -10.78 -11.71
N LEU A 65 -14.45 -9.90 -11.90
CA LEU A 65 -13.39 -10.16 -12.87
C LEU A 65 -12.52 -11.35 -12.45
N PHE A 66 -12.18 -11.45 -11.16
CA PHE A 66 -11.20 -12.46 -10.76
C PHE A 66 -11.81 -13.85 -10.84
N LYS A 67 -13.07 -13.99 -10.43
CA LYS A 67 -13.76 -15.28 -10.56
C LYS A 67 -13.87 -15.69 -12.02
N HIS A 68 -14.29 -14.76 -12.88
CA HIS A 68 -14.44 -15.05 -14.31
C HIS A 68 -13.11 -15.46 -14.93
N LEU A 69 -12.06 -14.65 -14.72
CA LEU A 69 -10.77 -14.99 -15.29
C LEU A 69 -10.25 -16.30 -14.74
N SER A 70 -10.53 -16.59 -13.46
CA SER A 70 -10.05 -17.83 -12.86
C SER A 70 -10.68 -19.04 -13.53
N GLN A 71 -11.90 -18.91 -14.06
CA GLN A 71 -12.50 -20.06 -14.72
C GLN A 71 -12.28 -20.07 -16.24
N CYS A 72 -11.51 -19.15 -16.80
CA CYS A 72 -11.27 -19.12 -18.24
C CYS A 72 -10.21 -20.15 -18.66
N ALA A 73 -10.46 -20.79 -19.80
CA ALA A 73 -9.56 -21.82 -20.31
C ALA A 73 -8.56 -21.33 -21.34
N SER A 74 -8.64 -20.07 -21.76
CA SER A 74 -7.69 -19.50 -22.72
C SER A 74 -7.48 -18.04 -22.38
N PRO A 75 -6.39 -17.43 -22.86
CA PRO A 75 -6.20 -15.99 -22.65
C PRO A 75 -7.35 -15.18 -23.24
N GLN A 76 -7.71 -14.11 -22.54
CA GLN A 76 -8.83 -13.26 -22.92
C GLN A 76 -8.32 -11.86 -23.25
N SER A 77 -8.86 -11.27 -24.32
CA SER A 77 -8.54 -9.89 -24.61
C SER A 77 -9.27 -8.94 -23.66
N ALA A 78 -8.76 -7.71 -23.57
CA ALA A 78 -9.42 -6.72 -22.74
C ALA A 78 -10.83 -6.43 -23.24
N GLU A 79 -11.02 -6.46 -24.56
CA GLU A 79 -12.35 -6.23 -25.12
C GLU A 79 -13.31 -7.35 -24.73
N GLU A 80 -12.86 -8.60 -24.80
CA GLU A 80 -13.69 -9.73 -24.41
C GLU A 80 -14.12 -9.61 -22.94
N LEU A 81 -13.16 -9.31 -22.05
CA LEU A 81 -13.47 -9.18 -20.64
C LEU A 81 -14.41 -8.01 -20.38
N ALA A 82 -14.17 -6.87 -21.03
CA ALA A 82 -15.02 -5.71 -20.85
C ALA A 82 -16.45 -6.02 -21.26
N ASP A 83 -16.62 -6.61 -22.44
CA ASP A 83 -17.96 -6.92 -22.93
C ASP A 83 -18.64 -7.94 -22.03
N HIS A 84 -17.91 -8.97 -21.59
CA HIS A 84 -18.54 -9.99 -20.75
C HIS A 84 -18.97 -9.40 -19.40
N LEU A 85 -18.15 -8.53 -18.82
CA LEU A 85 -18.37 -8.05 -17.45
C LEU A 85 -19.14 -6.74 -17.37
N GLY A 86 -19.45 -6.10 -18.50
CA GLY A 86 -20.20 -4.87 -18.48
C GLY A 86 -19.38 -3.69 -18.01
N CYS A 87 -18.17 -3.59 -18.55
CA CYS A 87 -17.24 -2.53 -18.20
C CYS A 87 -16.86 -1.77 -19.47
N GLY A 88 -16.67 -0.45 -19.34
CA GLY A 88 -16.14 0.32 -20.45
C GLY A 88 -14.85 -0.28 -20.96
N ARG A 89 -14.67 -0.29 -22.29
CA ARG A 89 -13.54 -0.99 -22.88
C ARG A 89 -12.21 -0.33 -22.52
N GLU A 90 -12.15 1.00 -22.55
CA GLU A 90 -10.90 1.68 -22.23
C GLU A 90 -10.60 1.55 -20.73
N LEU A 91 -11.63 1.71 -19.90
CA LEU A 91 -11.47 1.49 -18.46
C LEU A 91 -10.95 0.09 -18.18
N MET A 92 -11.54 -0.93 -18.83
CA MET A 92 -11.10 -2.29 -18.61
C MET A 92 -9.66 -2.49 -19.05
N SER A 93 -9.30 -1.95 -20.21
CA SER A 93 -7.92 -2.10 -20.69
C SER A 93 -6.92 -1.50 -19.71
N ARG A 94 -7.21 -0.28 -19.21
CA ARG A 94 -6.29 0.37 -18.28
C ARG A 94 -6.21 -0.37 -16.95
N LEU A 95 -7.37 -0.81 -16.44
CA LEU A 95 -7.38 -1.61 -15.22
C LEU A 95 -6.55 -2.88 -15.38
N LEU A 96 -6.70 -3.57 -16.51
CA LEU A 96 -5.96 -4.82 -16.72
C LEU A 96 -4.46 -4.57 -16.87
N ARG A 97 -4.08 -3.47 -17.52
CA ARG A 97 -2.65 -3.17 -17.62
C ARG A 97 -2.04 -2.92 -16.25
N TYR A 98 -2.75 -2.16 -15.40
CA TYR A 98 -2.26 -1.98 -14.04
C TYR A 98 -2.21 -3.31 -13.28
N MET A 99 -3.29 -4.08 -13.35
CA MET A 99 -3.33 -5.34 -12.62
C MET A 99 -2.19 -6.25 -13.04
N ALA A 100 -1.90 -6.32 -14.34
CA ALA A 100 -0.80 -7.16 -14.81
C ALA A 100 0.52 -6.64 -14.30
N SER A 101 0.66 -5.31 -14.16
CA SER A 101 1.92 -4.78 -13.65
C SER A 101 2.14 -5.13 -12.17
N VAL A 102 1.08 -5.43 -11.43
CA VAL A 102 1.28 -5.89 -10.05
C VAL A 102 0.89 -7.35 -9.86
N ARG A 103 0.86 -8.13 -10.95
CA ARG A 103 0.60 -9.57 -10.96
C ARG A 103 -0.79 -9.93 -10.41
N MET A 104 -1.72 -8.97 -10.38
CA MET A 104 -3.10 -9.30 -10.03
C MET A 104 -3.76 -10.13 -11.13
N VAL A 105 -3.28 -9.96 -12.36
CA VAL A 105 -3.50 -10.88 -13.48
C VAL A 105 -2.16 -11.02 -14.19
N GLN A 106 -2.11 -11.88 -15.19
CA GLN A 106 -0.94 -11.98 -16.06
C GLN A 106 -1.30 -11.49 -17.47
N GLN A 107 -0.39 -10.74 -18.08
CA GLN A 107 -0.52 -10.29 -19.45
C GLN A 107 0.35 -11.14 -20.36
N THR A 108 -0.23 -11.64 -21.45
CA THR A 108 0.51 -12.49 -22.39
C THR A 108 1.26 -11.63 -23.41
N ASP A 109 2.13 -12.30 -24.18
CA ASP A 109 2.91 -11.60 -25.20
C ASP A 109 2.06 -10.99 -26.29
N ASP A 110 0.83 -11.48 -26.50
CA ASP A 110 -0.08 -10.89 -27.46
C ASP A 110 -1.12 -9.97 -26.81
N ILE A 111 -0.80 -9.45 -25.63
CA ILE A 111 -1.63 -8.49 -24.88
C ILE A 111 -3.02 -9.07 -24.61
N LYS A 112 -3.07 -10.32 -24.17
CA LYS A 112 -4.27 -10.90 -23.60
C LYS A 112 -3.99 -11.22 -22.13
N TYR A 113 -4.99 -11.74 -21.43
CA TYR A 113 -4.92 -11.83 -19.98
C TYR A 113 -5.33 -13.21 -19.49
N ILE A 114 -4.57 -13.73 -18.52
CA ILE A 114 -4.84 -15.01 -17.88
C ILE A 114 -4.73 -14.83 -16.36
N SER A 115 -5.25 -15.81 -15.63
CA SER A 115 -5.17 -15.79 -14.17
C SER A 115 -3.73 -15.96 -13.69
N SER A 116 -3.40 -15.24 -12.62
CA SER A 116 -2.20 -15.47 -11.82
C SER A 116 -2.61 -16.14 -10.50
N ASN A 117 -1.62 -16.45 -9.67
CA ASN A 117 -1.93 -16.93 -8.32
C ASN A 117 -2.81 -15.95 -7.57
N ILE A 118 -2.57 -14.64 -7.78
CA ILE A 118 -3.34 -13.63 -7.06
C ILE A 118 -4.77 -13.55 -7.59
N THR A 119 -4.96 -13.73 -8.91
CA THR A 119 -6.31 -13.83 -9.45
C THR A 119 -7.11 -14.91 -8.73
N GLN A 120 -6.53 -16.10 -8.63
CA GLN A 120 -7.18 -17.23 -7.98
C GLN A 120 -7.49 -16.92 -6.53
N THR A 121 -6.54 -16.28 -5.83
CA THR A 121 -6.78 -15.89 -4.44
C THR A 121 -7.98 -14.95 -4.31
N LEU A 122 -8.03 -13.90 -5.13
CA LEU A 122 -9.12 -12.95 -5.03
C LEU A 122 -10.45 -13.55 -5.49
N ALA A 123 -10.42 -14.71 -6.17
CA ALA A 123 -11.67 -15.39 -6.51
C ALA A 123 -12.24 -16.22 -5.35
N VAL A 124 -11.47 -16.51 -4.34
CA VAL A 124 -11.95 -17.31 -3.19
C VAL A 124 -12.80 -16.41 -2.30
N PRO A 125 -14.06 -16.80 -1.99
CA PRO A 125 -14.95 -15.89 -1.25
C PRO A 125 -14.39 -15.34 0.06
N GLY A 126 -13.80 -16.18 0.91
CA GLY A 126 -13.31 -15.69 2.19
C GLY A 126 -12.15 -14.73 2.06
N LEU A 127 -11.24 -15.00 1.11
CA LEU A 127 -10.10 -14.11 0.89
C LEU A 127 -10.53 -12.82 0.20
N GLU A 128 -11.42 -12.93 -0.80
CA GLU A 128 -12.05 -11.73 -1.36
C GLU A 128 -12.66 -10.88 -0.27
N ALA A 129 -13.35 -11.51 0.69
CA ALA A 129 -13.97 -10.77 1.76
C ALA A 129 -12.94 -10.10 2.67
N GLY A 130 -11.77 -10.71 2.83
CA GLY A 130 -10.70 -10.04 3.55
C GLY A 130 -10.26 -8.76 2.86
N MET A 131 -10.06 -8.82 1.55
CA MET A 131 -9.69 -7.62 0.81
C MET A 131 -10.78 -6.55 0.89
N ARG A 132 -12.05 -6.97 0.76
CA ARG A 132 -13.15 -6.02 0.83
C ARG A 132 -13.23 -5.38 2.21
N HIS A 133 -12.92 -6.16 3.26
CA HIS A 133 -12.84 -5.63 4.61
C HIS A 133 -11.75 -4.57 4.73
N ALA A 134 -10.58 -4.84 4.13
CA ALA A 134 -9.52 -3.84 4.13
C ALA A 134 -9.98 -2.54 3.49
N PHE A 135 -10.70 -2.63 2.36
CA PHE A 135 -11.15 -1.42 1.67
C PHE A 135 -12.23 -0.68 2.48
N GLU A 136 -13.27 -1.38 2.93
CA GLU A 136 -14.42 -0.65 3.47
C GLU A 136 -14.32 -0.34 4.95
N ASN A 137 -13.55 -1.12 5.72
CA ASN A 137 -13.43 -0.93 7.16
C ASN A 137 -12.08 -0.38 7.60
N LEU A 138 -10.99 -0.95 7.08
CA LEU A 138 -9.66 -0.53 7.51
C LEU A 138 -9.26 0.82 6.93
N TRP A 139 -9.43 0.97 5.62
CA TRP A 139 -9.03 2.20 4.94
CA TRP A 139 -9.14 2.19 4.86
C TRP A 139 -9.57 3.46 5.59
N PRO A 140 -10.88 3.58 5.90
CA PRO A 140 -11.34 4.85 6.49
C PRO A 140 -10.69 5.13 7.85
N VAL A 141 -10.46 4.09 8.64
CA VAL A 141 -9.87 4.28 9.96
C VAL A 141 -8.43 4.75 9.83
N LEU A 142 -7.68 4.17 8.90
CA LEU A 142 -6.30 4.61 8.72
C LEU A 142 -6.24 6.01 8.15
N MET A 143 -7.20 6.37 7.28
CA MET A 143 -7.25 7.72 6.75
CA MET A 143 -7.27 7.72 6.75
C MET A 143 -7.58 8.73 7.84
N ALA A 144 -8.33 8.33 8.86
CA ALA A 144 -8.67 9.23 9.95
C ALA A 144 -7.60 9.29 11.05
N LEU A 145 -6.71 8.30 11.13
CA LEU A 145 -5.80 8.23 12.27
C LEU A 145 -4.86 9.41 12.41
N PRO A 146 -4.18 9.90 11.36
CA PRO A 146 -3.22 11.00 11.59
C PRO A 146 -3.86 12.25 12.17
N ASP A 147 -5.01 12.68 11.64
CA ASP A 147 -5.62 13.89 12.17
C ASP A 147 -6.29 13.64 13.51
N PHE A 148 -6.79 12.43 13.75
CA PHE A 148 -7.27 12.07 15.08
C PHE A 148 -6.17 12.25 16.12
N LEU A 149 -4.99 11.70 15.85
CA LEU A 149 -3.87 11.83 16.78
C LEU A 149 -3.43 13.27 16.93
N ALA A 150 -3.39 14.03 15.82
CA ALA A 150 -2.96 15.41 15.88
C ALA A 150 -3.90 16.25 16.74
N GLU A 151 -5.22 16.11 16.51
CA GLU A 151 -6.19 16.89 17.25
C GLU A 151 -6.18 16.57 18.73
N ARG A 152 -5.79 15.36 19.10
CA ARG A 152 -5.79 14.92 20.48
C ARG A 152 -4.41 14.95 21.12
N LYS A 153 -3.44 15.56 20.46
CA LYS A 153 -2.08 15.71 21.00
C LYS A 153 -1.46 14.36 21.32
N TYR A 154 -1.69 13.38 20.43
CA TYR A 154 -0.98 12.10 20.40
C TYR A 154 -1.15 11.31 21.69
N PRO A 155 -2.36 10.92 22.03
CA PRO A 155 -2.60 10.14 23.25
C PRO A 155 -2.26 8.67 23.05
N ASP A 156 -1.99 8.01 24.16
CA ASP A 156 -1.95 6.55 24.17
C ASP A 156 -3.40 6.04 24.12
N ILE A 157 -3.73 5.32 23.05
CA ILE A 157 -5.10 4.85 22.85
C ILE A 157 -5.33 3.58 23.66
N VAL A 158 -6.40 3.60 24.46
CA VAL A 158 -6.63 2.54 25.45
C VAL A 158 -8.10 2.14 25.51
N ASP A 159 -8.96 2.81 24.74
CA ASP A 159 -10.40 2.70 24.87
C ASP A 159 -11.03 2.44 23.51
N ALA A 160 -11.80 1.35 23.41
CA ALA A 160 -12.46 1.00 22.15
C ALA A 160 -13.50 2.03 21.72
N LYS A 161 -13.98 2.85 22.64
CA LYS A 161 -14.95 3.87 22.31
C LYS A 161 -14.32 5.24 22.04
N ASP A 162 -12.98 5.34 22.08
CA ASP A 162 -12.28 6.62 21.88
C ASP A 162 -11.01 6.38 21.06
N THR A 163 -11.19 6.06 19.79
CA THR A 163 -10.06 5.86 18.90
C THR A 163 -10.43 6.42 17.52
N ALA A 164 -9.62 6.10 16.51
CA ALA A 164 -9.83 6.70 15.20
C ALA A 164 -11.14 6.24 14.55
N PHE A 165 -11.63 5.06 14.94
CA PHE A 165 -12.87 4.55 14.33
C PHE A 165 -14.02 5.55 14.48
N GLN A 166 -14.16 6.15 15.67
CA GLN A 166 -15.28 7.05 15.91
C GLN A 166 -15.22 8.27 15.02
N LYS A 167 -14.01 8.75 14.73
CA LYS A 167 -13.87 9.87 13.80
CA LYS A 167 -13.84 9.87 13.80
C LYS A 167 -14.14 9.42 12.38
N ALA A 168 -13.61 8.26 11.98
CA ALA A 168 -13.77 7.78 10.62
C ALA A 168 -15.23 7.58 10.26
N PHE A 169 -16.04 7.04 11.17
CA PHE A 169 -17.41 6.71 10.84
C PHE A 169 -18.42 7.60 11.55
N ASN A 170 -17.97 8.70 12.16
CA ASN A 170 -18.84 9.73 12.71
C ASN A 170 -19.89 9.11 13.64
N THR A 171 -19.41 8.36 14.62
CA THR A 171 -20.28 7.67 15.57
C THR A 171 -19.60 7.68 16.93
N ASP A 172 -20.39 7.50 17.98
CA ASP A 172 -19.85 7.34 19.32
C ASP A 172 -19.84 5.88 19.77
N GLN A 173 -20.38 4.98 18.96
CA GLN A 173 -20.35 3.55 19.27
C GLN A 173 -18.95 2.98 19.06
N ASP A 174 -18.65 1.89 19.77
CA ASP A 174 -17.44 1.16 19.43
C ASP A 174 -17.68 0.33 18.16
N CYS A 175 -16.57 -0.16 17.59
CA CYS A 175 -16.66 -0.79 16.28
C CYS A 175 -17.66 -1.94 16.27
N PHE A 176 -17.62 -2.78 17.29
CA PHE A 176 -18.48 -3.97 17.30
C PHE A 176 -19.96 -3.60 17.36
N HIS A 177 -20.32 -2.60 18.18
CA HIS A 177 -21.72 -2.21 18.26
C HIS A 177 -22.17 -1.49 16.98
N TRP A 178 -21.30 -0.68 16.39
CA TRP A 178 -21.63 0.00 15.15
C TRP A 178 -21.87 -0.99 14.02
N LEU A 179 -21.04 -2.05 13.93
CA LEU A 179 -21.16 -3.01 12.83
C LEU A 179 -22.53 -3.67 12.79
N ALA A 180 -23.17 -3.88 13.94
CA ALA A 180 -24.48 -4.51 13.96
C ALA A 180 -25.54 -3.70 13.21
N THR A 181 -25.28 -2.43 12.93
CA THR A 181 -26.21 -1.57 12.23
C THR A 181 -25.89 -1.46 10.73
N GLN A 182 -24.96 -2.27 10.24
CA GLN A 182 -24.47 -2.16 8.86
C GLN A 182 -24.61 -3.51 8.15
N PRO A 183 -25.75 -3.76 7.51
CA PRO A 183 -26.01 -5.12 6.99
C PRO A 183 -25.03 -5.60 5.93
N THR A 184 -24.57 -4.73 5.02
CA THR A 184 -23.65 -5.19 3.98
C THR A 184 -22.29 -5.55 4.57
N ARG A 185 -21.85 -4.78 5.57
CA ARG A 185 -20.60 -5.11 6.25
C ARG A 185 -20.74 -6.42 7.03
N ILE A 186 -21.91 -6.64 7.64
CA ILE A 186 -22.17 -7.91 8.32
C ILE A 186 -22.11 -9.07 7.34
N ALA A 187 -22.71 -8.90 6.16
CA ALA A 187 -22.70 -9.98 5.17
C ALA A 187 -21.27 -10.30 4.73
N ASN A 188 -20.47 -9.26 4.48
CA ASN A 188 -19.07 -9.50 4.13
C ASN A 188 -18.33 -10.21 5.26
N PHE A 189 -18.59 -9.81 6.51
CA PHE A 189 -17.92 -10.47 7.63
CA PHE A 189 -17.92 -10.46 7.64
C PHE A 189 -18.32 -11.93 7.72
N LYS A 190 -19.59 -12.24 7.45
CA LYS A 190 -20.02 -13.63 7.45
C LYS A 190 -19.26 -14.44 6.41
N VAL A 191 -18.98 -13.85 5.25
CA VAL A 191 -18.16 -14.56 4.27
C VAL A 191 -16.71 -14.66 4.76
N LEU A 192 -16.21 -13.61 5.41
CA LEU A 192 -14.83 -13.61 5.90
C LEU A 192 -14.61 -14.74 6.90
N LEU A 193 -15.63 -15.07 7.70
CA LEU A 193 -15.48 -16.15 8.67
C LEU A 193 -15.28 -17.52 8.01
N THR A 194 -15.61 -17.67 6.73
CA THR A 194 -15.42 -18.96 6.09
C THR A 194 -13.97 -19.19 5.68
N ASP A 195 -13.11 -18.17 5.73
CA ASP A 195 -11.70 -18.39 5.47
C ASP A 195 -11.06 -19.12 6.63
N GLU A 196 -10.41 -20.24 6.35
CA GLU A 196 -9.70 -21.00 7.36
C GLU A 196 -8.21 -20.79 7.16
N ARG A 197 -7.54 -20.29 8.20
CA ARG A 197 -6.10 -20.09 8.13
C ARG A 197 -5.37 -21.42 8.20
N THR A 198 -4.24 -21.49 7.50
CA THR A 198 -3.39 -22.66 7.52
C THR A 198 -1.93 -22.20 7.61
N PRO A 199 -1.09 -22.87 8.40
CA PRO A 199 -1.43 -24.03 9.24
C PRO A 199 -2.19 -23.63 10.50
N ASN A 200 -2.64 -24.60 11.29
CA ASN A 200 -3.34 -24.32 12.53
C ASN A 200 -2.60 -24.98 13.69
N PHE A 201 -3.07 -24.70 14.91
CA PHE A 201 -2.32 -25.06 16.11
C PHE A 201 -2.14 -26.57 16.25
N LEU A 202 -3.04 -27.36 15.66
CA LEU A 202 -2.93 -28.81 15.79
C LEU A 202 -1.70 -29.37 15.06
N SER A 203 -1.04 -28.56 14.23
CA SER A 203 0.18 -29.04 13.59
C SER A 203 1.32 -29.20 14.58
N THR A 204 1.30 -28.50 15.71
CA THR A 204 2.35 -28.62 16.71
C THR A 204 1.84 -28.83 18.14
N PHE A 205 0.54 -28.77 18.37
CA PHE A 205 0.01 -28.91 19.72
C PHE A 205 0.10 -30.35 20.18
N PRO A 206 0.87 -30.68 21.21
CA PRO A 206 0.96 -32.08 21.69
C PRO A 206 -0.24 -32.45 22.54
N LEU A 207 -1.34 -32.79 21.85
CA LEU A 207 -2.62 -32.94 22.52
C LEU A 207 -2.59 -34.04 23.57
N GLU A 208 -2.04 -35.22 23.22
CA GLU A 208 -2.03 -36.29 24.22
C GLU A 208 -1.15 -35.94 25.42
N LYS A 209 -0.06 -35.22 25.20
CA LYS A 209 0.77 -34.79 26.31
C LYS A 209 0.01 -33.83 27.22
N GLU A 210 -0.69 -32.86 26.63
CA GLU A 210 -1.43 -31.90 27.45
C GLU A 210 -2.63 -32.54 28.12
N LEU A 211 -3.21 -33.56 27.49
CA LEU A 211 -4.34 -34.26 28.07
C LEU A 211 -3.94 -34.99 29.34
N GLY A 212 -2.76 -35.60 29.33
CA GLY A 212 -2.35 -36.45 30.43
C GLY A 212 -3.37 -37.54 30.65
N SER A 213 -3.73 -37.75 31.91
CA SER A 213 -4.70 -38.77 32.27
C SER A 213 -6.10 -38.21 32.49
N TRP A 214 -6.39 -37.06 31.88
CA TRP A 214 -7.73 -36.49 31.97
C TRP A 214 -8.75 -37.50 31.46
N SER A 215 -9.83 -37.67 32.21
CA SER A 215 -10.87 -38.63 31.86
C SER A 215 -12.07 -37.87 31.34
N ALA A 216 -12.64 -38.35 30.24
CA ALA A 216 -13.88 -37.76 29.74
C ALA A 216 -15.09 -38.29 30.48
N GLU A 217 -14.89 -39.25 31.43
CA GLU A 217 -16.03 -39.83 32.11
C GLU A 217 -16.33 -39.04 33.38
N PRO A 218 -17.61 -38.90 33.74
CA PRO A 218 -18.74 -39.54 33.06
C PRO A 218 -19.17 -38.92 31.72
N GLU A 219 -19.22 -37.59 31.64
CA GLU A 219 -19.67 -36.94 30.40
C GLU A 219 -19.07 -35.54 30.34
N LYS A 220 -17.75 -35.46 30.42
CA LYS A 220 -17.06 -34.18 30.50
C LYS A 220 -16.75 -33.61 29.11
N ALA A 221 -16.38 -32.33 29.08
CA ALA A 221 -16.10 -31.61 27.84
C ALA A 221 -14.61 -31.57 27.58
N LEU A 222 -14.21 -32.01 26.37
CA LEU A 222 -12.81 -31.95 25.96
C LEU A 222 -12.40 -30.54 25.50
N PHE A 223 -13.24 -29.90 24.71
CA PHE A 223 -12.83 -28.71 23.96
C PHE A 223 -14.01 -27.77 23.82
N VAL A 224 -13.86 -26.54 24.30
CA VAL A 224 -14.89 -25.51 24.22
C VAL A 224 -14.30 -24.37 23.42
N ASP A 225 -14.82 -24.15 22.20
CA ASP A 225 -14.28 -23.20 21.23
C ASP A 225 -15.04 -21.89 21.39
N ILE A 226 -14.46 -20.96 22.15
CA ILE A 226 -15.17 -19.76 22.60
C ILE A 226 -15.01 -18.66 21.54
N GLY A 227 -16.13 -18.25 20.94
CA GLY A 227 -16.06 -17.41 19.76
C GLY A 227 -15.48 -18.14 18.57
N GLY A 228 -15.87 -19.41 18.38
CA GLY A 228 -15.27 -20.25 17.38
C GLY A 228 -15.68 -20.00 15.94
N GLY A 229 -16.60 -19.08 15.69
CA GLY A 229 -16.95 -18.76 14.31
C GLY A 229 -17.61 -19.94 13.62
N MET A 230 -17.05 -20.35 12.47
CA MET A 230 -17.57 -21.51 11.76
C MET A 230 -17.19 -22.84 12.43
N GLY A 231 -16.36 -22.81 13.46
CA GLY A 231 -16.00 -24.03 14.14
C GLY A 231 -14.86 -24.80 13.54
N HIS A 232 -14.01 -24.14 12.74
CA HIS A 232 -12.91 -24.84 12.07
C HIS A 232 -12.02 -25.56 13.07
N ALA A 233 -11.77 -24.95 14.23
CA ALA A 233 -10.91 -25.61 15.22
C ALA A 233 -11.54 -26.89 15.72
N CYS A 234 -12.86 -26.88 15.96
CA CYS A 234 -13.56 -28.09 16.39
C CYS A 234 -13.50 -29.17 15.32
N ILE A 235 -13.74 -28.78 14.07
CA ILE A 235 -13.71 -29.71 12.95
C ILE A 235 -12.34 -30.36 12.82
N ARG A 236 -11.29 -29.54 12.83
CA ARG A 236 -9.93 -30.08 12.70
C ARG A 236 -9.54 -30.93 13.90
N LEU A 237 -10.03 -30.57 15.09
CA LEU A 237 -9.73 -31.38 16.27
C LEU A 237 -10.34 -32.78 16.13
N ARG A 238 -11.63 -32.85 15.79
CA ARG A 238 -12.25 -34.16 15.61
C ARG A 238 -11.63 -34.92 14.45
N GLU A 239 -11.16 -34.21 13.42
CA GLU A 239 -10.54 -34.87 12.28
C GLU A 239 -9.21 -35.49 12.65
N LYS A 240 -8.37 -34.75 13.38
CA LYS A 240 -7.04 -35.28 13.72
C LYS A 240 -7.09 -36.27 14.88
N TYR A 241 -8.04 -36.11 15.79
CA TYR A 241 -8.14 -36.95 16.99
C TYR A 241 -9.53 -37.56 17.07
N PRO A 242 -9.86 -38.44 16.12
CA PRO A 242 -11.24 -38.97 16.04
C PRO A 242 -11.61 -39.87 17.21
N ASN A 243 -10.65 -40.44 17.93
CA ASN A 243 -10.97 -41.39 18.98
C ASN A 243 -10.90 -40.78 20.38
N GLN A 244 -10.48 -39.53 20.52
CA GLN A 244 -10.40 -38.94 21.84
C GLN A 244 -11.80 -38.59 22.36
N PRO A 245 -12.23 -39.14 23.49
CA PRO A 245 -13.57 -38.87 24.00
C PRO A 245 -13.68 -37.50 24.67
N GLY A 246 -14.93 -37.08 24.84
CA GLY A 246 -15.21 -35.78 25.43
C GLY A 246 -16.03 -34.88 24.52
N ARG A 247 -16.87 -34.04 25.10
CA ARG A 247 -17.69 -33.14 24.30
C ARG A 247 -16.78 -32.14 23.59
N VAL A 248 -17.17 -31.79 22.37
CA VAL A 248 -16.53 -30.73 21.59
C VAL A 248 -17.62 -29.72 21.26
N ILE A 249 -17.44 -28.49 21.73
CA ILE A 249 -18.54 -27.53 21.78
C ILE A 249 -18.11 -26.25 21.08
N LEU A 250 -18.87 -25.82 20.08
CA LEU A 250 -18.67 -24.55 19.41
C LEU A 250 -19.57 -23.51 20.07
N GLN A 251 -18.97 -22.44 20.59
CA GLN A 251 -19.70 -21.35 21.22
C GLN A 251 -19.53 -20.07 20.40
N ASP A 252 -20.64 -19.44 20.06
CA ASP A 252 -20.63 -18.15 19.34
C ASP A 252 -22.03 -17.55 19.47
N LEU A 253 -22.26 -16.43 18.78
CA LEU A 253 -23.57 -15.82 18.81
C LEU A 253 -24.51 -16.51 17.82
N PRO A 254 -25.82 -16.46 18.05
CA PRO A 254 -26.77 -17.27 17.26
C PRO A 254 -26.65 -17.07 15.75
N PRO A 255 -26.48 -15.84 15.24
CA PRO A 255 -26.41 -15.71 13.78
C PRO A 255 -25.20 -16.41 13.15
N VAL A 256 -24.05 -16.40 13.82
CA VAL A 256 -22.91 -17.10 13.22
C VAL A 256 -23.02 -18.61 13.44
N LEU A 257 -23.56 -19.06 14.58
CA LEU A 257 -23.83 -20.50 14.72
C LEU A 257 -24.77 -21.00 13.62
N GLN A 258 -25.82 -20.23 13.34
CA GLN A 258 -26.72 -20.60 12.25
C GLN A 258 -25.96 -20.66 10.93
N ALA A 259 -25.09 -19.69 10.67
CA ALA A 259 -24.27 -19.75 9.46
C ALA A 259 -23.36 -20.99 9.44
N ALA A 260 -22.90 -21.41 10.61
CA ALA A 260 -21.96 -22.53 10.70
C ALA A 260 -22.63 -23.89 10.52
N GLN A 261 -23.95 -23.97 10.73
CA GLN A 261 -24.62 -25.27 10.65
C GLN A 261 -24.42 -25.94 9.29
N ALA A 262 -24.34 -25.16 8.21
CA ALA A 262 -24.28 -25.74 6.87
C ALA A 262 -23.05 -26.61 6.67
N THR A 263 -21.93 -26.26 7.30
CA THR A 263 -20.68 -26.97 7.10
C THR A 263 -20.21 -27.74 8.32
N LEU A 264 -20.98 -27.76 9.40
CA LEU A 264 -20.59 -28.54 10.57
C LEU A 264 -20.88 -30.01 10.34
N PRO A 265 -20.06 -30.90 10.91
CA PRO A 265 -20.36 -32.33 10.85
C PRO A 265 -21.74 -32.63 11.44
N LEU A 266 -22.31 -33.74 10.99
CA LEU A 266 -23.67 -34.09 11.37
C LEU A 266 -23.77 -34.41 12.85
N SER A 267 -22.70 -34.95 13.43
CA SER A 267 -22.64 -35.30 14.83
C SER A 267 -21.25 -35.02 15.36
N GLY A 268 -21.14 -34.95 16.69
CA GLY A 268 -19.86 -34.89 17.36
C GLY A 268 -19.44 -33.50 17.79
N ILE A 269 -20.09 -32.46 17.27
CA ILE A 269 -19.76 -31.08 17.62
C ILE A 269 -21.05 -30.36 17.99
N GLU A 270 -21.13 -29.89 19.24
CA GLU A 270 -22.30 -29.16 19.69
C GLU A 270 -22.20 -27.69 19.31
N SER A 271 -23.34 -27.08 19.02
CA SER A 271 -23.45 -25.65 18.75
C SER A 271 -24.17 -25.03 19.93
N MET A 272 -23.46 -24.23 20.73
CA MET A 272 -24.01 -23.67 21.95
C MET A 272 -23.98 -22.16 21.90
N PRO A 273 -25.12 -21.47 21.83
CA PRO A 273 -25.09 -20.01 21.87
C PRO A 273 -24.53 -19.52 23.19
N HIS A 274 -23.55 -18.61 23.12
CA HIS A 274 -22.92 -18.11 24.32
C HIS A 274 -22.23 -16.80 24.02
N ASN A 275 -22.53 -15.79 24.82
CA ASN A 275 -21.85 -14.50 24.74
C ASN A 275 -20.65 -14.56 25.70
N PHE A 276 -19.44 -14.39 25.16
CA PHE A 276 -18.27 -14.59 26.02
C PHE A 276 -18.03 -13.44 26.99
N HIS A 277 -18.90 -12.43 27.02
CA HIS A 277 -18.92 -11.45 28.10
C HIS A 277 -19.77 -11.89 29.29
N THR A 278 -20.20 -13.15 29.32
CA THR A 278 -21.00 -13.69 30.41
C THR A 278 -20.31 -14.95 30.95
N PRO A 279 -20.69 -15.41 32.15
CA PRO A 279 -20.00 -16.57 32.73
C PRO A 279 -20.04 -17.80 31.82
N GLN A 280 -18.91 -18.51 31.79
CA GLN A 280 -18.79 -19.72 30.97
C GLN A 280 -19.70 -20.81 31.52
N PRO A 281 -20.66 -21.31 30.74
CA PRO A 281 -21.60 -22.31 31.27
C PRO A 281 -21.05 -23.72 31.39
N VAL A 282 -20.09 -24.09 30.55
CA VAL A 282 -19.58 -25.46 30.53
C VAL A 282 -18.53 -25.62 31.63
N GLN A 283 -18.79 -26.55 32.57
CA GLN A 283 -17.95 -26.71 33.74
C GLN A 283 -16.91 -27.80 33.57
N GLY A 284 -15.69 -27.51 34.01
CA GLY A 284 -14.64 -28.50 34.10
C GLY A 284 -14.13 -29.04 32.78
N ALA A 285 -14.21 -28.26 31.70
CA ALA A 285 -13.67 -28.73 30.43
C ALA A 285 -12.16 -28.83 30.48
N LYS A 286 -11.59 -29.70 29.64
CA LYS A 286 -10.14 -29.79 29.60
C LYS A 286 -9.54 -28.54 28.94
N PHE A 287 -10.07 -28.13 27.79
CA PHE A 287 -9.53 -26.99 27.05
C PHE A 287 -10.64 -25.97 26.79
N TYR A 288 -10.43 -24.74 27.24
CA TYR A 288 -11.24 -23.58 26.84
C TYR A 288 -10.39 -22.78 25.85
N PHE A 289 -10.83 -22.70 24.62
CA PHE A 289 -10.01 -22.29 23.49
C PHE A 289 -10.45 -20.93 22.97
N LEU A 290 -9.51 -19.98 22.87
CA LEU A 290 -9.76 -18.63 22.40
C LEU A 290 -8.78 -18.30 21.27
N ARG A 291 -9.22 -18.41 20.02
CA ARG A 291 -8.35 -18.16 18.87
C ARG A 291 -8.70 -16.83 18.23
N LEU A 292 -7.73 -15.91 18.21
CA LEU A 292 -7.90 -14.58 17.62
C LEU A 292 -9.10 -13.85 18.20
N ILE A 293 -9.30 -14.00 19.51
CA ILE A 293 -10.37 -13.33 20.22
C ILE A 293 -9.82 -12.15 21.02
N LEU A 294 -8.87 -12.43 21.90
CA LEU A 294 -8.45 -11.44 22.89
C LEU A 294 -7.68 -10.30 22.26
N ARG A 295 -7.06 -10.52 21.09
CA ARG A 295 -6.37 -9.44 20.38
C ARG A 295 -7.29 -8.28 20.04
N ASP A 296 -8.59 -8.50 19.96
CA ASP A 296 -9.52 -7.48 19.51
C ASP A 296 -10.06 -6.63 20.65
N PHE A 297 -9.53 -6.81 21.86
CA PHE A 297 -10.00 -6.09 23.05
C PHE A 297 -8.83 -5.47 23.81
N PRO A 298 -9.00 -4.25 24.32
CA PRO A 298 -8.01 -3.71 25.25
C PRO A 298 -7.98 -4.53 26.52
N ASP A 299 -6.91 -4.33 27.30
CA ASP A 299 -6.62 -5.20 28.45
C ASP A 299 -7.80 -5.37 29.38
N HIS A 300 -8.51 -4.28 29.71
CA HIS A 300 -9.56 -4.41 30.73
C HIS A 300 -10.70 -5.32 30.27
N GLN A 301 -11.05 -5.26 28.99
CA GLN A 301 -12.12 -6.10 28.47
C GLN A 301 -11.64 -7.54 28.19
N ALA A 302 -10.41 -7.69 27.69
CA ALA A 302 -9.84 -9.03 27.55
C ALA A 302 -9.76 -9.73 28.90
N LEU A 303 -9.38 -8.99 29.93
CA LEU A 303 -9.36 -9.52 31.29
C LEU A 303 -10.74 -10.00 31.69
N GLU A 304 -11.78 -9.19 31.40
CA GLU A 304 -13.14 -9.62 31.74
C GLU A 304 -13.50 -10.93 31.04
N ILE A 305 -13.09 -11.09 29.78
CA ILE A 305 -13.38 -12.35 29.08
C ILE A 305 -12.72 -13.53 29.78
N LEU A 306 -11.47 -13.38 30.21
CA LEU A 306 -10.82 -14.47 30.95
C LEU A 306 -11.48 -14.72 32.31
N GLN A 307 -11.85 -13.64 33.01
CA GLN A 307 -12.46 -13.78 34.32
C GLN A 307 -13.80 -14.48 34.24
N ASN A 308 -14.49 -14.39 33.10
CA ASN A 308 -15.75 -15.12 32.94
C ASN A 308 -15.54 -16.62 32.78
N ILE A 309 -14.34 -17.05 32.42
CA ILE A 309 -14.07 -18.47 32.22
C ILE A 309 -13.51 -19.11 33.49
N VAL A 310 -12.68 -18.37 34.21
CA VAL A 310 -11.94 -18.94 35.35
C VAL A 310 -12.82 -19.69 36.35
N PRO A 311 -14.01 -19.21 36.74
CA PRO A 311 -14.80 -19.97 37.74
C PRO A 311 -15.26 -21.33 37.25
N ALA A 312 -15.30 -21.57 35.95
CA ALA A 312 -15.72 -22.87 35.42
C ALA A 312 -14.62 -23.90 35.43
N MET A 313 -13.37 -23.48 35.67
CA MET A 313 -12.23 -24.38 35.56
C MET A 313 -12.07 -25.23 36.81
N ASP A 314 -11.68 -26.48 36.61
CA ASP A 314 -11.15 -27.27 37.72
C ASP A 314 -9.63 -27.35 37.55
N ALA A 315 -8.97 -28.13 38.41
CA ALA A 315 -7.52 -28.12 38.44
C ALA A 315 -6.91 -28.61 37.14
N GLU A 316 -7.61 -29.48 36.41
CA GLU A 316 -7.11 -29.98 35.14
C GLU A 316 -7.49 -29.10 33.96
N SER A 317 -8.42 -28.16 34.13
CA SER A 317 -8.81 -27.28 33.04
C SER A 317 -7.64 -26.40 32.61
N ARG A 318 -7.62 -26.06 31.32
CA ARG A 318 -6.65 -25.12 30.78
C ARG A 318 -7.38 -24.12 29.89
N ILE A 319 -6.95 -22.88 29.90
CA ILE A 319 -7.36 -21.91 28.89
C ILE A 319 -6.26 -21.86 27.85
N VAL A 320 -6.61 -22.04 26.60
CA VAL A 320 -5.66 -22.05 25.50
C VAL A 320 -5.92 -20.80 24.68
N ILE A 321 -5.00 -19.84 24.75
CA ILE A 321 -5.08 -18.62 23.95
C ILE A 321 -4.27 -18.87 22.69
N ASP A 322 -4.94 -18.87 21.54
CA ASP A 322 -4.28 -19.09 20.26
C ASP A 322 -4.29 -17.73 19.57
N ASP A 323 -3.13 -17.11 19.47
CA ASP A 323 -3.12 -15.70 19.04
C ASP A 323 -1.70 -15.34 18.64
N GLY A 324 -1.53 -14.07 18.25
CA GLY A 324 -0.22 -13.58 17.88
C GLY A 324 0.62 -13.34 19.13
N VAL A 325 1.90 -13.72 19.04
CA VAL A 325 2.85 -13.49 20.12
C VAL A 325 4.10 -12.86 19.54
N PRO A 326 4.04 -11.60 19.10
CA PRO A 326 5.19 -11.00 18.46
C PRO A 326 6.36 -10.90 19.42
N PRO A 327 7.59 -10.88 18.91
CA PRO A 327 8.77 -10.83 19.79
C PRO A 327 8.95 -9.44 20.39
N GLU A 328 9.83 -9.40 21.40
CA GLU A 328 10.19 -8.13 22.04
C GLU A 328 10.84 -7.16 21.06
N LYS A 329 11.59 -7.67 20.10
CA LYS A 329 12.25 -6.84 19.11
C LYS A 329 12.31 -7.59 17.79
N GLY A 330 12.52 -6.83 16.71
CA GLY A 330 12.58 -7.42 15.39
C GLY A 330 11.27 -7.96 14.86
N ALA A 331 10.14 -7.43 15.33
CA ALA A 331 8.84 -7.92 14.87
C ALA A 331 8.64 -7.61 13.40
N ARG A 332 7.92 -8.49 12.71
CA ARG A 332 7.70 -8.40 11.27
C ARG A 332 6.50 -7.51 10.93
N TRP A 333 6.44 -7.07 9.67
CA TRP A 333 5.40 -6.11 9.26
C TRP A 333 4.01 -6.68 9.45
N ALA A 334 3.83 -8.00 9.28
CA ALA A 334 2.50 -8.59 9.37
C ALA A 334 2.02 -8.77 10.80
N GLU A 335 2.86 -8.49 11.80
CA GLU A 335 2.44 -8.51 13.18
C GLU A 335 2.60 -7.14 13.86
N THR A 336 3.06 -6.12 13.14
CA THR A 336 3.01 -4.74 13.64
C THR A 336 1.97 -3.89 12.91
N GLY A 337 1.79 -4.12 11.61
CA GLY A 337 0.69 -3.48 10.91
C GLY A 337 -0.65 -3.85 11.50
N THR A 338 -0.80 -5.11 11.89
CA THR A 338 -1.99 -5.54 12.64
C THR A 338 -2.18 -4.69 13.88
N ASP A 339 -1.08 -4.48 14.63
CA ASP A 339 -1.13 -3.68 15.85
C ASP A 339 -1.64 -2.27 15.57
N ILE A 340 -1.14 -1.63 14.52
CA ILE A 340 -1.61 -0.27 14.20
C ILE A 340 -3.09 -0.29 13.83
N CYS A 341 -3.51 -1.29 13.05
CA CYS A 341 -4.90 -1.36 12.61
C CYS A 341 -5.85 -1.60 13.79
N ILE A 342 -5.54 -2.55 14.66
CA ILE A 342 -6.46 -2.83 15.78
C ILE A 342 -6.39 -1.73 16.82
N MET A 343 -5.24 -1.06 16.97
CA MET A 343 -5.24 0.18 17.76
C MET A 343 -6.25 1.17 17.22
N SER A 344 -6.21 1.41 15.90
CA SER A 344 -7.01 2.49 15.31
C SER A 344 -8.49 2.16 15.26
N ALA A 345 -8.85 0.89 15.09
CA ALA A 345 -10.25 0.49 14.94
C ALA A 345 -10.88 0.01 16.24
N LEU A 346 -10.12 -0.71 17.07
CA LEU A 346 -10.66 -1.42 18.22
C LEU A 346 -10.11 -0.95 19.56
N GLY A 347 -9.11 -0.07 19.57
CA GLY A 347 -8.46 0.31 20.80
C GLY A 347 -7.61 -0.77 21.43
N SER A 348 -7.35 -1.87 20.73
CA SER A 348 -6.63 -3.00 21.31
C SER A 348 -5.16 -2.98 20.85
N LYS A 349 -4.49 -4.13 20.88
CA LYS A 349 -3.05 -4.18 20.70
C LYS A 349 -2.62 -5.61 20.47
N GLU A 350 -1.50 -5.78 19.77
CA GLU A 350 -0.77 -7.04 19.80
C GLU A 350 -0.03 -7.16 21.12
N ARG A 351 0.17 -8.39 21.58
CA ARG A 351 0.78 -8.64 22.89
C ARG A 351 1.97 -9.58 22.76
N THR A 352 3.10 -9.18 23.34
CA THR A 352 4.24 -10.07 23.52
C THR A 352 3.87 -11.17 24.50
N GLN A 353 4.75 -12.17 24.58
CA GLN A 353 4.54 -13.23 25.56
C GLN A 353 4.46 -12.67 26.98
N ARG A 354 5.36 -11.74 27.33
CA ARG A 354 5.31 -11.16 28.67
C ARG A 354 4.00 -10.41 28.91
N GLN A 355 3.49 -9.74 27.88
CA GLN A 355 2.23 -9.02 28.06
C GLN A 355 1.05 -9.98 28.19
N TRP A 356 1.08 -11.09 27.46
CA TRP A 356 0.05 -12.12 27.63
C TRP A 356 0.08 -12.67 29.06
N GLU A 357 1.29 -12.93 29.57
CA GLU A 357 1.41 -13.47 30.93
C GLU A 357 0.94 -12.46 31.98
N GLU A 358 1.22 -11.18 31.79
CA GLU A 358 0.73 -10.18 32.74
C GLU A 358 -0.80 -10.13 32.74
N LEU A 359 -1.39 -10.08 31.53
CA LEU A 359 -2.84 -10.05 31.42
C LEU A 359 -3.46 -11.27 32.09
N ALA A 360 -2.93 -12.46 31.78
CA ALA A 360 -3.50 -13.69 32.33
C ALA A 360 -3.28 -13.78 33.83
N ALA A 361 -2.17 -13.25 34.33
CA ALA A 361 -1.92 -13.26 35.76
C ALA A 361 -2.96 -12.43 36.51
N LYS A 362 -3.48 -11.36 35.87
CA LYS A 362 -4.56 -10.63 36.50
C LYS A 362 -5.83 -11.47 36.68
N ALA A 363 -6.00 -12.53 35.90
CA ALA A 363 -7.13 -13.43 36.05
C ALA A 363 -6.82 -14.63 36.93
N GLY A 364 -5.63 -14.69 37.52
CA GLY A 364 -5.22 -15.84 38.31
C GLY A 364 -4.67 -17.00 37.52
N LEU A 365 -4.16 -16.75 36.31
CA LEU A 365 -3.69 -17.81 35.42
C LEU A 365 -2.17 -17.79 35.30
N GLN A 366 -1.60 -18.97 35.07
CA GLN A 366 -0.17 -19.18 34.94
C GLN A 366 0.12 -19.91 33.64
N LEU A 367 1.12 -19.42 32.90
CA LEU A 367 1.51 -20.07 31.64
C LEU A 367 2.25 -21.38 31.93
N GLN A 368 1.72 -22.48 31.40
CA GLN A 368 2.33 -23.80 31.49
C GLN A 368 3.15 -24.17 30.27
N ALA A 369 2.73 -23.75 29.07
CA ALA A 369 3.39 -24.16 27.85
C ALA A 369 2.99 -23.22 26.72
N LEU A 370 3.85 -23.13 25.72
CA LEU A 370 3.62 -22.28 24.54
C LEU A 370 4.05 -23.05 23.31
N TYR A 371 3.12 -23.25 22.38
CA TYR A 371 3.35 -24.06 21.19
C TYR A 371 3.19 -23.22 19.93
N GLN A 372 4.30 -22.70 19.43
CA GLN A 372 4.31 -21.92 18.20
C GLN A 372 3.96 -22.82 17.01
N TYR A 373 3.20 -22.28 16.06
CA TYR A 373 2.89 -23.07 14.87
C TYR A 373 3.01 -22.29 13.56
N THR A 374 3.36 -21.00 13.59
CA THR A 374 3.74 -20.27 12.38
C THR A 374 5.06 -19.56 12.62
N TRP A 375 5.80 -19.36 11.52
CA TRP A 375 7.10 -18.68 11.49
C TRP A 375 7.20 -17.96 10.16
N PRO A 376 7.86 -16.79 10.11
CA PRO A 376 8.48 -16.05 11.21
C PRO A 376 7.51 -15.22 12.04
N VAL A 377 6.34 -14.89 11.48
CA VAL A 377 5.30 -14.24 12.27
C VAL A 377 4.78 -15.26 13.28
N VAL A 378 4.75 -14.88 14.55
CA VAL A 378 4.49 -15.83 15.64
C VAL A 378 2.99 -15.93 15.90
N ASN A 379 2.41 -17.10 15.62
CA ASN A 379 1.14 -17.50 16.19
C ASN A 379 1.38 -18.72 17.06
N ALA A 380 0.78 -18.73 18.24
CA ALA A 380 1.05 -19.83 19.16
C ALA A 380 -0.19 -20.11 19.99
N ALA A 381 -0.30 -21.39 20.40
CA ALA A 381 -1.26 -21.82 21.41
C ALA A 381 -0.57 -21.76 22.77
N MET A 382 -1.00 -20.82 23.61
CA MET A 382 -0.48 -20.64 24.95
C MET A 382 -1.42 -21.33 25.92
N VAL A 383 -0.89 -22.23 26.74
CA VAL A 383 -1.69 -23.05 27.64
C VAL A 383 -1.55 -22.50 29.05
N PHE A 384 -2.66 -22.04 29.63
CA PHE A 384 -2.69 -21.45 30.96
C PHE A 384 -3.50 -22.34 31.92
N SER A 385 -3.03 -22.43 33.16
CA SER A 385 -3.74 -23.12 34.22
C SER A 385 -4.05 -22.16 35.35
N LEU A 386 -4.89 -22.61 36.29
CA LEU A 386 -5.07 -21.85 37.52
C LEU A 386 -3.76 -21.82 38.30
N GLN A 387 -3.65 -20.81 39.18
CA GLN A 387 -2.48 -20.53 40.03
C GLN A 387 -1.47 -19.67 39.28
N MET B 1 17.31 -18.15 6.63
CA MET B 1 18.19 -18.20 7.79
CA MET B 1 18.20 -18.21 7.79
C MET B 1 19.62 -17.78 7.39
N GLU B 2 20.56 -18.72 7.42
CA GLU B 2 21.81 -18.51 6.72
C GLU B 2 21.54 -18.29 5.23
N THR B 3 20.51 -18.97 4.72
CA THR B 3 20.12 -18.83 3.32
C THR B 3 19.65 -17.41 3.03
N VAL B 4 18.81 -16.84 3.89
CA VAL B 4 18.31 -15.49 3.65
C VAL B 4 19.45 -14.48 3.67
N ALA B 5 20.39 -14.64 4.61
CA ALA B 5 21.53 -13.75 4.66
C ALA B 5 22.36 -13.86 3.39
N ALA B 6 22.48 -15.08 2.86
CA ALA B 6 23.26 -15.27 1.63
C ALA B 6 22.56 -14.65 0.42
N ILE B 7 21.24 -14.78 0.35
CA ILE B 7 20.48 -14.11 -0.71
C ILE B 7 20.73 -12.61 -0.65
N LYS B 8 20.64 -12.03 0.55
CA LYS B 8 20.85 -10.59 0.69
C LYS B 8 22.25 -10.19 0.25
N THR B 9 23.27 -10.95 0.69
CA THR B 9 24.64 -10.63 0.30
C THR B 9 24.80 -10.63 -1.21
N LEU B 10 24.29 -11.68 -1.88
CA LEU B 10 24.53 -11.79 -3.31
C LEU B 10 23.76 -10.73 -4.10
N ILE B 11 22.52 -10.46 -3.69
CA ILE B 11 21.73 -9.43 -4.39
C ILE B 11 22.36 -8.06 -4.17
N GLN B 12 22.86 -7.79 -2.96
CA GLN B 12 23.53 -6.51 -2.71
C GLN B 12 24.76 -6.35 -3.58
N GLN B 13 25.55 -7.41 -3.74
CA GLN B 13 26.74 -7.30 -4.57
C GLN B 13 26.37 -7.05 -6.04
N LEU B 14 25.36 -7.78 -6.54
CA LEU B 14 24.92 -7.56 -7.90
C LEU B 14 24.39 -6.15 -8.10
N ALA B 15 23.65 -5.63 -7.12
CA ALA B 15 23.11 -4.28 -7.23
C ALA B 15 24.22 -3.23 -7.23
N GLN B 16 25.25 -3.43 -6.39
CA GLN B 16 26.36 -2.50 -6.39
C GLN B 16 27.12 -2.51 -7.70
N SER B 17 27.18 -3.66 -8.37
CA SER B 17 27.98 -3.76 -9.58
C SER B 17 27.38 -3.01 -10.77
N THR B 18 26.07 -2.80 -10.79
CA THR B 18 25.41 -2.24 -11.96
C THR B 18 25.10 -0.76 -11.74
N ASP B 19 24.34 -0.16 -12.67
CA ASP B 19 24.02 1.25 -12.57
C ASP B 19 22.58 1.39 -12.06
N GLN B 20 22.07 2.63 -12.05
CA GLN B 20 20.76 2.86 -11.46
C GLN B 20 19.66 2.15 -12.23
N PHE B 21 19.82 2.00 -13.55
CA PHE B 21 18.79 1.33 -14.33
C PHE B 21 18.79 -0.17 -14.07
N GLY B 22 19.99 -0.76 -13.96
CA GLY B 22 20.08 -2.15 -13.57
C GLY B 22 19.52 -2.41 -12.18
N ARG B 23 19.75 -1.49 -11.25
CA ARG B 23 19.18 -1.66 -9.91
C ARG B 23 17.66 -1.57 -9.95
N ALA B 24 17.12 -0.68 -10.78
CA ALA B 24 15.67 -0.61 -10.92
C ALA B 24 15.11 -1.92 -11.48
N GLU B 25 15.80 -2.52 -12.45
CA GLU B 25 15.38 -3.80 -12.98
C GLU B 25 15.40 -4.89 -11.90
N ILE B 26 16.47 -4.91 -11.10
CA ILE B 26 16.54 -5.89 -10.01
C ILE B 26 15.39 -5.69 -9.03
N ASN B 27 15.11 -4.44 -8.67
CA ASN B 27 14.03 -4.22 -7.71
C ASN B 27 12.68 -4.66 -8.26
N ASP B 28 12.41 -4.39 -9.54
CA ASP B 28 11.17 -4.86 -10.13
C ASP B 28 11.10 -6.39 -10.09
N ALA B 29 12.23 -7.06 -10.34
CA ALA B 29 12.26 -8.52 -10.25
C ALA B 29 12.00 -9.02 -8.83
N LEU B 30 12.53 -8.32 -7.82
CA LEU B 30 12.27 -8.72 -6.44
C LEU B 30 10.79 -8.59 -6.09
N ARG B 31 10.14 -7.52 -6.57
CA ARG B 31 8.70 -7.40 -6.36
C ARG B 31 7.95 -8.54 -7.03
N GLU B 32 8.28 -8.83 -8.29
CA GLU B 32 7.61 -9.91 -8.99
C GLU B 32 7.79 -11.25 -8.27
N LEU B 33 8.99 -11.52 -7.76
CA LEU B 33 9.22 -12.74 -7.01
C LEU B 33 8.38 -12.79 -5.75
N GLN B 34 8.34 -11.68 -5.02
CA GLN B 34 7.54 -11.61 -3.80
CA GLN B 34 7.54 -11.60 -3.82
C GLN B 34 6.08 -11.97 -4.09
N TYR B 35 5.49 -11.34 -5.11
CA TYR B 35 4.09 -11.59 -5.44
C TYR B 35 3.88 -13.04 -5.88
N SER B 36 4.85 -13.60 -6.62
CA SER B 36 4.67 -14.96 -7.11
C SER B 36 4.85 -16.01 -6.01
N LEU B 37 5.59 -15.71 -4.95
CA LEU B 37 5.88 -16.70 -3.91
C LEU B 37 5.04 -16.54 -2.65
N GLU B 38 4.28 -15.45 -2.51
CA GLU B 38 3.43 -15.29 -1.33
CA GLU B 38 3.45 -15.18 -1.35
C GLU B 38 2.26 -16.28 -1.35
N THR B 39 1.78 -16.62 -0.17
CA THR B 39 0.59 -17.47 -0.07
C THR B 39 -0.65 -16.61 -0.30
N PRO B 40 -1.81 -17.24 -0.54
CA PRO B 40 -3.05 -16.45 -0.64
C PRO B 40 -3.31 -15.55 0.57
N PHE B 41 -3.15 -16.11 1.77
CA PHE B 41 -3.27 -15.31 2.98
C PHE B 41 -2.27 -14.16 2.97
N ASP B 42 -1.02 -14.42 2.57
CA ASP B 42 -0.02 -13.35 2.46
C ASP B 42 -0.49 -12.24 1.54
N THR B 43 -1.07 -12.59 0.40
CA THR B 43 -1.57 -11.59 -0.55
C THR B 43 -2.58 -10.67 0.12
N VAL B 44 -3.56 -11.26 0.82
CA VAL B 44 -4.59 -10.45 1.46
C VAL B 44 -4.01 -9.62 2.60
N MET B 45 -3.09 -10.19 3.38
CA MET B 45 -2.46 -9.41 4.45
C MET B 45 -1.65 -8.25 3.90
N ARG B 46 -0.93 -8.48 2.80
CA ARG B 46 -0.13 -7.42 2.19
C ARG B 46 -1.01 -6.29 1.71
N MET B 47 -2.08 -6.61 0.98
CA MET B 47 -3.00 -5.58 0.54
C MET B 47 -3.66 -4.87 1.72
N SER B 48 -3.93 -5.62 2.80
CA SER B 48 -4.60 -5.04 3.95
C SER B 48 -3.69 -4.07 4.69
N LEU B 49 -2.39 -4.37 4.78
CA LEU B 49 -1.50 -3.68 5.70
C LEU B 49 -0.51 -2.72 5.06
N ASP B 50 -0.16 -2.89 3.78
CA ASP B 50 0.83 -1.98 3.20
C ASP B 50 0.29 -0.56 3.15
N THR B 51 -1.04 -0.44 3.18
CA THR B 51 -1.74 0.83 3.35
C THR B 51 -1.26 1.61 4.56
N CYS B 52 -0.89 0.91 5.63
CA CYS B 52 -0.47 1.55 6.87
C CYS B 52 0.72 2.45 6.66
N GLN B 53 1.56 2.17 5.66
CA GLN B 53 2.81 2.92 5.52
C GLN B 53 2.56 4.39 5.27
N VAL B 54 1.58 4.72 4.43
CA VAL B 54 1.32 6.13 4.13
C VAL B 54 0.76 6.85 5.35
N ALA B 55 -0.16 6.20 6.08
CA ALA B 55 -0.72 6.83 7.27
C ALA B 55 0.35 7.06 8.34
N VAL B 56 1.23 6.08 8.54
CA VAL B 56 2.25 6.20 9.56
C VAL B 56 3.33 7.18 9.13
N ALA B 57 3.63 7.25 7.83
CA ALA B 57 4.56 8.26 7.35
C ALA B 57 3.97 9.65 7.56
N ARG B 58 2.67 9.80 7.37
CA ARG B 58 2.03 11.09 7.61
CA ARG B 58 2.01 11.08 7.62
C ARG B 58 2.13 11.48 9.09
N ILE B 59 1.92 10.52 9.99
CA ILE B 59 2.06 10.81 11.42
C ILE B 59 3.50 11.19 11.76
N GLY B 60 4.47 10.43 11.23
CA GLY B 60 5.85 10.77 11.49
C GLY B 60 6.22 12.14 10.97
N SER B 61 5.67 12.52 9.81
CA SER B 61 5.89 13.87 9.28
C SER B 61 5.25 14.92 10.17
N ASP B 62 4.05 14.67 10.63
CA ASP B 62 3.38 15.61 11.51
C ASP B 62 4.20 15.81 12.79
N LEU B 63 4.82 14.78 13.29
CA LEU B 63 5.60 14.88 14.52
C LEU B 63 7.00 15.44 14.29
N GLY B 64 7.45 15.55 13.04
CA GLY B 64 8.84 15.89 12.78
C GLY B 64 9.80 14.79 13.08
N LEU B 65 9.33 13.54 13.15
CA LEU B 65 10.17 12.44 13.61
C LEU B 65 11.31 12.15 12.64
N PHE B 66 11.05 12.17 11.34
CA PHE B 66 12.08 11.75 10.39
C PHE B 66 13.20 12.77 10.28
N LYS B 67 12.86 14.06 10.27
CA LYS B 67 13.90 15.09 10.28
C LYS B 67 14.74 15.01 11.55
N HIS B 68 14.09 14.85 12.70
CA HIS B 68 14.79 14.77 13.98
C HIS B 68 15.71 13.55 14.01
N LEU B 69 15.19 12.37 13.69
CA LEU B 69 16.02 11.17 13.71
C LEU B 69 17.16 11.28 12.73
N SER B 70 16.92 11.94 11.59
CA SER B 70 17.95 12.08 10.58
C SER B 70 19.13 12.91 11.09
N GLN B 71 18.88 13.84 12.01
CA GLN B 71 19.99 14.63 12.56
C GLN B 71 20.54 14.10 13.89
N CYS B 72 20.07 12.94 14.38
CA CYS B 72 20.59 12.40 15.64
C CYS B 72 21.92 11.68 15.45
N ALA B 73 22.83 11.88 16.41
CA ALA B 73 24.17 11.30 16.34
C ALA B 73 24.30 9.97 17.08
N SER B 74 23.27 9.52 17.78
CA SER B 74 23.31 8.25 18.49
C SER B 74 21.93 7.64 18.44
N PRO B 75 21.81 6.32 18.68
CA PRO B 75 20.48 5.69 18.73
C PRO B 75 19.64 6.30 19.85
N GLN B 76 18.34 6.41 19.58
CA GLN B 76 17.40 7.04 20.50
C GLN B 76 16.39 6.00 20.97
N SER B 77 16.07 6.04 22.26
CA SER B 77 15.02 5.18 22.77
C SER B 77 13.66 5.74 22.38
N ALA B 78 12.64 4.88 22.41
CA ALA B 78 11.29 5.34 22.12
C ALA B 78 10.84 6.38 23.13
N GLU B 79 11.26 6.24 24.39
CA GLU B 79 10.90 7.22 25.41
C GLU B 79 11.52 8.58 25.09
N GLU B 80 12.79 8.59 24.69
CA GLU B 80 13.45 9.84 24.33
C GLU B 80 12.76 10.53 23.17
N LEU B 81 12.44 9.77 22.12
CA LEU B 81 11.77 10.34 20.95
C LEU B 81 10.38 10.86 21.33
N ALA B 82 9.64 10.09 22.13
CA ALA B 82 8.31 10.52 22.55
C ALA B 82 8.37 11.82 23.33
N ASP B 83 9.28 11.90 24.31
CA ASP B 83 9.39 13.12 25.10
C ASP B 83 9.83 14.31 24.26
N HIS B 84 10.81 14.11 23.37
CA HIS B 84 11.28 15.22 22.55
C HIS B 84 10.22 15.72 21.59
N LEU B 85 9.44 14.81 21.00
CA LEU B 85 8.51 15.18 19.94
C LEU B 85 7.08 15.44 20.42
N GLY B 86 6.80 15.23 21.71
CA GLY B 86 5.46 15.48 22.23
C GLY B 86 4.46 14.42 21.85
N CYS B 87 4.85 13.16 21.99
CA CYS B 87 4.01 12.02 21.66
C CYS B 87 3.85 11.12 22.89
N GLY B 88 2.67 10.51 23.03
CA GLY B 88 2.48 9.50 24.05
C GLY B 88 3.51 8.41 23.93
N ARG B 89 4.03 7.93 25.07
CA ARG B 89 5.16 7.01 25.04
C ARG B 89 4.79 5.65 24.43
N GLU B 90 3.62 5.11 24.77
CA GLU B 90 3.25 3.84 24.19
C GLU B 90 2.93 3.98 22.70
N LEU B 91 2.23 5.06 22.34
CA LEU B 91 1.98 5.36 20.93
C LEU B 91 3.28 5.46 20.15
N MET B 92 4.27 6.18 20.69
CA MET B 92 5.54 6.32 19.99
C MET B 92 6.24 4.97 19.86
N SER B 93 6.22 4.17 20.93
CA SER B 93 6.87 2.86 20.87
C SER B 93 6.24 1.99 19.79
N ARG B 94 4.91 1.96 19.72
CA ARG B 94 4.24 1.12 18.72
C ARG B 94 4.49 1.64 17.31
N LEU B 95 4.43 2.96 17.13
CA LEU B 95 4.74 3.55 15.83
C LEU B 95 6.15 3.17 15.38
N LEU B 96 7.12 3.25 16.29
CA LEU B 96 8.50 2.94 15.93
C LEU B 96 8.67 1.46 15.62
N ARG B 97 7.99 0.57 16.36
CA ARG B 97 8.11 -0.85 16.04
C ARG B 97 7.58 -1.15 14.64
N TYR B 98 6.45 -0.54 14.29
CA TYR B 98 5.92 -0.70 12.94
C TYR B 98 6.88 -0.10 11.89
N MET B 99 7.34 1.12 12.12
CA MET B 99 8.23 1.76 11.16
C MET B 99 9.49 0.92 10.94
N ALA B 100 10.03 0.35 12.01
CA ALA B 100 11.22 -0.49 11.87
C ALA B 100 10.90 -1.74 11.06
N SER B 101 9.70 -2.30 11.25
CA SER B 101 9.31 -3.48 10.48
CA SER B 101 9.34 -3.49 10.48
C SER B 101 9.23 -3.21 8.98
N VAL B 102 9.01 -1.96 8.58
CA VAL B 102 8.97 -1.62 7.16
C VAL B 102 10.15 -0.74 6.76
N ARG B 103 11.23 -0.75 7.54
CA ARG B 103 12.48 -0.02 7.26
C ARG B 103 12.29 1.49 7.16
N MET B 104 11.20 2.02 7.71
CA MET B 104 11.04 3.48 7.75
C MET B 104 12.00 4.11 8.76
N VAL B 105 12.41 3.33 9.77
CA VAL B 105 13.55 3.58 10.63
C VAL B 105 14.27 2.24 10.81
N GLN B 106 15.40 2.26 11.51
CA GLN B 106 16.05 1.02 11.90
C GLN B 106 16.01 0.85 13.41
N GLN B 107 15.75 -0.38 13.85
CA GLN B 107 15.76 -0.75 15.26
C GLN B 107 17.07 -1.45 15.59
N THR B 108 17.74 -1.01 16.65
CA THR B 108 18.99 -1.62 17.05
C THR B 108 18.74 -2.84 17.94
N ASP B 109 19.81 -3.59 18.19
CA ASP B 109 19.70 -4.79 19.02
C ASP B 109 19.28 -4.48 20.45
N ASP B 110 19.48 -3.24 20.92
CA ASP B 110 19.02 -2.84 22.25
C ASP B 110 17.71 -2.06 22.20
N ILE B 111 16.94 -2.22 21.13
CA ILE B 111 15.61 -1.63 20.98
C ILE B 111 15.69 -0.10 21.08
N LYS B 112 16.68 0.48 20.42
CA LYS B 112 16.71 1.90 20.16
C LYS B 112 16.58 2.11 18.66
N TYR B 113 16.58 3.37 18.23
CA TYR B 113 16.20 3.68 16.85
C TYR B 113 17.17 4.65 16.20
N ILE B 114 17.51 4.36 14.94
CA ILE B 114 18.38 5.19 14.12
C ILE B 114 17.74 5.36 12.75
N SER B 115 18.25 6.34 12.00
CA SER B 115 17.78 6.58 10.65
C SER B 115 18.12 5.42 9.72
N SER B 116 17.19 5.11 8.82
CA SER B 116 17.43 4.28 7.66
C SER B 116 17.51 5.18 6.42
N ASN B 117 17.76 4.57 5.26
CA ASN B 117 17.68 5.34 4.01
C ASN B 117 16.32 6.00 3.86
N ILE B 118 15.26 5.29 4.25
CA ILE B 118 13.91 5.85 4.09
C ILE B 118 13.67 6.98 5.07
N THR B 119 14.21 6.89 6.30
CA THR B 119 14.16 8.03 7.21
C THR B 119 14.70 9.28 6.53
N GLN B 120 15.89 9.15 5.95
CA GLN B 120 16.53 10.29 5.31
C GLN B 120 15.70 10.82 4.16
N THR B 121 15.11 9.90 3.37
CA THR B 121 14.22 10.31 2.29
C THR B 121 13.04 11.12 2.79
N LEU B 122 12.36 10.63 3.83
CA LEU B 122 11.19 11.34 4.34
C LEU B 122 11.56 12.63 5.04
N ALA B 123 12.84 12.85 5.35
CA ALA B 123 13.27 14.14 5.90
C ALA B 123 13.50 15.20 4.84
N VAL B 124 13.62 14.82 3.57
CA VAL B 124 13.84 15.79 2.50
C VAL B 124 12.53 16.50 2.20
N PRO B 125 12.49 17.85 2.24
CA PRO B 125 11.19 18.54 2.11
C PRO B 125 10.36 18.16 0.88
N GLY B 126 10.97 18.11 -0.31
CA GLY B 126 10.20 17.81 -1.50
C GLY B 126 9.63 16.40 -1.51
N LEU B 127 10.41 15.44 -1.00
CA LEU B 127 9.95 14.05 -0.96
C LEU B 127 8.91 13.85 0.14
N GLU B 128 9.14 14.46 1.31
CA GLU B 128 8.09 14.50 2.33
C GLU B 128 6.80 15.05 1.75
N ALA B 129 6.89 16.12 0.96
CA ALA B 129 5.70 16.71 0.37
C ALA B 129 5.03 15.75 -0.61
N GLY B 130 5.82 14.93 -1.32
CA GLY B 130 5.22 13.89 -2.15
C GLY B 130 4.41 12.90 -1.34
N MET B 131 4.96 12.43 -0.23
CA MET B 131 4.20 11.51 0.63
C MET B 131 2.95 12.17 1.18
N ARG B 132 3.05 13.44 1.61
CA ARG B 132 1.88 14.13 2.13
C ARG B 132 0.81 14.30 1.06
N HIS B 133 1.24 14.54 -0.19
CA HIS B 133 0.32 14.61 -1.31
C HIS B 133 -0.39 13.28 -1.53
N ALA B 134 0.35 12.17 -1.43
CA ALA B 134 -0.30 10.87 -1.54
C ALA B 134 -1.38 10.71 -0.49
N PHE B 135 -1.09 11.11 0.75
CA PHE B 135 -2.08 10.95 1.81
C PHE B 135 -3.29 11.85 1.62
N GLU B 136 -3.08 13.15 1.43
CA GLU B 136 -4.19 14.08 1.52
C GLU B 136 -4.95 14.25 0.21
N ASN B 137 -4.31 14.02 -0.94
CA ASN B 137 -4.94 14.21 -2.24
C ASN B 137 -5.26 12.90 -2.95
N LEU B 138 -4.32 11.96 -3.00
CA LEU B 138 -4.51 10.74 -3.78
CA LEU B 138 -4.51 10.75 -3.77
C LEU B 138 -5.41 9.74 -3.05
N TRP B 139 -5.16 9.51 -1.76
CA TRP B 139 -5.92 8.50 -1.04
CA TRP B 139 -5.92 8.53 -0.99
C TRP B 139 -7.43 8.75 -1.08
N PRO B 140 -7.96 9.97 -0.86
CA PRO B 140 -9.42 10.13 -0.95
C PRO B 140 -9.98 9.83 -2.33
N VAL B 141 -9.24 10.15 -3.39
CA VAL B 141 -9.72 9.88 -4.74
C VAL B 141 -9.76 8.39 -5.01
N LEU B 142 -8.73 7.67 -4.57
CA LEU B 142 -8.73 6.22 -4.76
C LEU B 142 -9.80 5.55 -3.90
N MET B 143 -10.05 6.09 -2.71
CA MET B 143 -11.12 5.58 -1.86
CA MET B 143 -11.11 5.55 -1.88
C MET B 143 -12.48 5.77 -2.51
N ALA B 144 -12.65 6.86 -3.27
CA ALA B 144 -13.91 7.11 -3.94
C ALA B 144 -14.07 6.37 -5.26
N LEU B 145 -12.98 5.92 -5.88
CA LEU B 145 -13.08 5.41 -7.25
C LEU B 145 -13.99 4.19 -7.40
N PRO B 146 -13.90 3.15 -6.57
CA PRO B 146 -14.75 1.95 -6.83
C PRO B 146 -16.24 2.24 -6.83
N ASP B 147 -16.74 3.00 -5.85
CA ASP B 147 -18.18 3.28 -5.82
C ASP B 147 -18.57 4.31 -6.88
N PHE B 148 -17.67 5.24 -7.22
CA PHE B 148 -17.93 6.12 -8.36
C PHE B 148 -18.17 5.30 -9.62
N LEU B 149 -17.26 4.35 -9.91
CA LEU B 149 -17.41 3.55 -11.11
C LEU B 149 -18.65 2.66 -11.05
N ALA B 150 -18.93 2.09 -9.88
CA ALA B 150 -20.10 1.22 -9.75
C ALA B 150 -21.39 1.98 -10.00
N GLU B 151 -21.54 3.15 -9.36
CA GLU B 151 -22.77 3.93 -9.50
C GLU B 151 -22.99 4.39 -10.94
N ARG B 152 -21.91 4.56 -11.70
CA ARG B 152 -21.98 5.05 -13.06
C ARG B 152 -21.88 3.93 -14.09
N LYS B 153 -21.94 2.67 -13.66
CA LYS B 153 -21.90 1.51 -14.56
C LYS B 153 -20.64 1.51 -15.42
N TYR B 154 -19.50 1.87 -14.78
CA TYR B 154 -18.16 1.68 -15.30
C TYR B 154 -17.92 2.42 -16.61
N PRO B 155 -18.01 3.74 -16.58
CA PRO B 155 -17.76 4.53 -17.79
C PRO B 155 -16.28 4.68 -18.07
N ASP B 156 -15.98 4.95 -19.34
CA ASP B 156 -14.65 5.43 -19.69
C ASP B 156 -14.50 6.87 -19.21
N ILE B 157 -13.53 7.11 -18.33
CA ILE B 157 -13.34 8.45 -17.78
C ILE B 157 -12.58 9.30 -18.79
N VAL B 158 -13.13 10.47 -19.13
CA VAL B 158 -12.61 11.26 -20.24
C VAL B 158 -12.60 12.75 -19.92
N ASP B 159 -13.13 13.14 -18.77
CA ASP B 159 -13.41 14.54 -18.47
C ASP B 159 -12.88 14.88 -17.08
N ALA B 160 -12.05 15.94 -16.99
CA ALA B 160 -11.50 16.35 -15.71
C ALA B 160 -12.56 16.80 -14.72
N LYS B 161 -13.74 17.19 -15.21
CA LYS B 161 -14.83 17.61 -14.33
C LYS B 161 -15.80 16.49 -13.99
N ASP B 162 -15.54 15.25 -14.43
CA ASP B 162 -16.46 14.14 -14.19
C ASP B 162 -15.65 12.86 -13.91
N THR B 163 -15.00 12.83 -12.75
CA THR B 163 -14.23 11.64 -12.36
C THR B 163 -14.36 11.47 -10.84
N ALA B 164 -13.52 10.60 -10.27
CA ALA B 164 -13.68 10.26 -8.85
C ALA B 164 -13.41 11.47 -7.95
N PHE B 165 -12.59 12.41 -8.40
CA PHE B 165 -12.24 13.57 -7.57
C PHE B 165 -13.47 14.32 -7.07
N GLN B 166 -14.46 14.51 -7.95
CA GLN B 166 -15.63 15.30 -7.58
C GLN B 166 -16.43 14.61 -6.49
N LYS B 167 -16.48 13.27 -6.49
CA LYS B 167 -17.14 12.57 -5.40
C LYS B 167 -16.30 12.60 -4.13
N ALA B 168 -14.98 12.42 -4.26
CA ALA B 168 -14.12 12.39 -3.08
C ALA B 168 -14.18 13.70 -2.31
N PHE B 169 -14.23 14.83 -3.01
CA PHE B 169 -14.17 16.12 -2.35
C PHE B 169 -15.46 16.91 -2.44
N ASN B 170 -16.56 16.27 -2.85
CA ASN B 170 -17.90 16.87 -2.82
C ASN B 170 -17.91 18.24 -3.48
N THR B 171 -17.43 18.28 -4.73
CA THR B 171 -17.32 19.54 -5.46
C THR B 171 -17.57 19.29 -6.92
N ASP B 172 -17.93 20.35 -7.64
CA ASP B 172 -18.05 20.30 -9.09
C ASP B 172 -16.83 20.87 -9.80
N GLN B 173 -15.87 21.41 -9.05
CA GLN B 173 -14.65 21.94 -9.63
C GLN B 173 -13.77 20.79 -10.12
N ASP B 174 -12.94 21.08 -11.13
CA ASP B 174 -11.90 20.11 -11.43
C ASP B 174 -10.78 20.22 -10.41
N CYS B 175 -9.90 19.21 -10.38
CA CYS B 175 -8.90 19.11 -9.32
C CYS B 175 -8.04 20.36 -9.20
N PHE B 176 -7.51 20.85 -10.32
CA PHE B 176 -6.59 21.99 -10.26
C PHE B 176 -7.28 23.25 -9.74
N HIS B 177 -8.52 23.48 -10.17
CA HIS B 177 -9.24 24.67 -9.72
C HIS B 177 -9.59 24.58 -8.25
N TRP B 178 -9.99 23.38 -7.79
CA TRP B 178 -10.29 23.20 -6.37
C TRP B 178 -9.04 23.37 -5.52
N LEU B 179 -7.92 22.78 -5.96
CA LEU B 179 -6.69 22.87 -5.19
C LEU B 179 -6.24 24.31 -5.06
N ALA B 180 -6.50 25.14 -6.08
CA ALA B 180 -6.12 26.54 -5.98
C ALA B 180 -6.85 27.27 -4.85
N THR B 181 -7.92 26.69 -4.31
CA THR B 181 -8.68 27.31 -3.23
C THR B 181 -8.33 26.74 -1.85
N GLN B 182 -7.28 25.91 -1.75
CA GLN B 182 -6.95 25.19 -0.52
C GLN B 182 -5.52 25.53 -0.11
N PRO B 183 -5.32 26.54 0.74
CA PRO B 183 -3.97 27.07 0.96
C PRO B 183 -2.95 26.08 1.51
N THR B 184 -3.32 25.16 2.41
CA THR B 184 -2.32 24.24 2.95
C THR B 184 -1.86 23.25 1.88
N ARG B 185 -2.79 22.82 1.02
CA ARG B 185 -2.43 21.93 -0.08
C ARG B 185 -1.54 22.65 -1.08
N ILE B 186 -1.83 23.93 -1.34
CA ILE B 186 -0.96 24.73 -2.22
C ILE B 186 0.44 24.83 -1.65
N ALA B 187 0.55 25.08 -0.34
CA ALA B 187 1.86 25.20 0.28
C ALA B 187 2.64 23.91 0.14
N ASN B 188 1.97 22.79 0.38
CA ASN B 188 2.63 21.50 0.20
C ASN B 188 3.09 21.31 -1.24
N PHE B 189 2.27 21.71 -2.22
CA PHE B 189 2.68 21.56 -3.61
CA PHE B 189 2.67 21.57 -3.62
C PHE B 189 3.89 22.43 -3.93
N LYS B 190 3.96 23.62 -3.35
CA LYS B 190 5.13 24.46 -3.59
C LYS B 190 6.40 23.79 -3.06
N VAL B 191 6.30 23.09 -1.92
CA VAL B 191 7.46 22.33 -1.46
C VAL B 191 7.73 21.14 -2.37
N LEU B 192 6.68 20.49 -2.87
CA LEU B 192 6.86 19.35 -3.75
C LEU B 192 7.63 19.74 -5.02
N LEU B 193 7.45 20.97 -5.49
CA LEU B 193 8.15 21.40 -6.70
C LEU B 193 9.66 21.48 -6.50
N THR B 194 10.15 21.51 -5.26
CA THR B 194 11.59 21.61 -5.04
C THR B 194 12.32 20.29 -5.24
N ASP B 195 11.62 19.17 -5.34
CA ASP B 195 12.28 17.92 -5.66
C ASP B 195 12.63 17.90 -7.14
N GLU B 196 13.90 17.64 -7.44
CA GLU B 196 14.37 17.53 -8.82
C GLU B 196 14.60 16.06 -9.14
N ARG B 197 13.93 15.56 -10.17
CA ARG B 197 14.13 14.17 -10.55
C ARG B 197 15.48 13.99 -11.23
N THR B 198 16.06 12.81 -11.05
CA THR B 198 17.32 12.47 -11.68
C THR B 198 17.22 11.04 -12.20
N PRO B 199 17.77 10.76 -13.39
CA PRO B 199 18.45 11.69 -14.30
C PRO B 199 17.46 12.55 -15.06
N ASN B 200 17.97 13.49 -15.85
CA ASN B 200 17.10 14.36 -16.65
C ASN B 200 17.47 14.22 -18.13
N PHE B 201 16.66 14.87 -18.96
CA PHE B 201 16.74 14.64 -20.41
C PHE B 201 18.09 15.04 -20.99
N LEU B 202 18.79 15.97 -20.36
CA LEU B 202 20.08 16.42 -20.90
C LEU B 202 21.13 15.32 -20.87
N SER B 203 20.88 14.22 -20.16
CA SER B 203 21.84 13.11 -20.17
C SER B 203 21.91 12.39 -21.52
N THR B 204 20.85 12.48 -22.33
CA THR B 204 20.84 11.83 -23.64
C THR B 204 20.41 12.75 -24.78
N PHE B 205 19.98 13.98 -24.51
CA PHE B 205 19.48 14.89 -25.53
C PHE B 205 20.64 15.45 -26.36
N PRO B 206 20.72 15.13 -27.65
CA PRO B 206 21.80 15.67 -28.49
C PRO B 206 21.51 17.11 -28.90
N LEU B 207 21.78 18.02 -27.97
CA LEU B 207 21.37 19.42 -28.15
C LEU B 207 22.03 20.03 -29.38
N GLU B 208 23.33 19.80 -29.54
CA GLU B 208 24.08 20.40 -30.64
C GLU B 208 23.59 19.88 -31.98
N LYS B 209 23.26 18.59 -32.06
CA LYS B 209 22.70 18.03 -33.29
C LYS B 209 21.34 18.64 -33.60
N GLU B 210 20.47 18.75 -32.60
CA GLU B 210 19.13 19.30 -32.82
C GLU B 210 19.20 20.78 -33.18
N LEU B 211 20.20 21.50 -32.66
CA LEU B 211 20.34 22.93 -32.95
C LEU B 211 20.73 23.16 -34.41
N GLY B 212 21.62 22.34 -34.96
CA GLY B 212 22.15 22.61 -36.29
C GLY B 212 22.81 23.98 -36.33
N SER B 213 22.46 24.77 -37.36
CA SER B 213 23.00 26.11 -37.56
C SER B 213 22.04 27.20 -37.08
N TRP B 214 21.16 26.86 -36.12
CA TRP B 214 20.23 27.85 -35.57
C TRP B 214 20.97 29.03 -34.97
N SER B 215 20.51 30.24 -35.28
CA SER B 215 21.10 31.48 -34.80
C SER B 215 20.20 32.09 -33.73
N ALA B 216 20.80 32.56 -32.64
CA ALA B 216 20.02 33.18 -31.56
C ALA B 216 19.66 34.64 -31.81
N GLU B 217 20.15 35.24 -32.86
CA GLU B 217 19.87 36.66 -33.06
C GLU B 217 18.70 36.85 -34.03
N PRO B 218 17.89 37.91 -33.88
CA PRO B 218 17.88 38.96 -32.86
C PRO B 218 17.12 38.61 -31.58
N GLU B 219 17.82 38.55 -30.45
CA GLU B 219 17.24 38.26 -29.14
C GLU B 219 16.24 37.10 -29.19
N LYS B 220 16.64 36.00 -29.81
CA LYS B 220 15.73 34.87 -29.85
C LYS B 220 15.95 33.99 -28.63
N ALA B 221 14.98 33.14 -28.35
CA ALA B 221 15.01 32.27 -27.19
C ALA B 221 15.46 30.87 -27.60
N LEU B 222 16.46 30.35 -26.88
CA LEU B 222 16.91 28.97 -27.09
C LEU B 222 15.92 27.99 -26.48
N PHE B 223 15.40 28.30 -25.31
CA PHE B 223 14.70 27.33 -24.48
C PHE B 223 13.61 28.05 -23.71
N VAL B 224 12.35 27.63 -23.90
CA VAL B 224 11.22 28.20 -23.18
C VAL B 224 10.60 27.05 -22.39
N ASP B 225 10.71 27.11 -21.08
CA ASP B 225 10.33 26.04 -20.15
C ASP B 225 8.92 26.32 -19.67
N ILE B 226 7.94 25.68 -20.31
CA ILE B 226 6.53 26.01 -20.11
C ILE B 226 5.98 25.22 -18.93
N GLY B 227 5.54 25.92 -17.89
CA GLY B 227 5.21 25.24 -16.64
C GLY B 227 6.44 24.65 -15.98
N GLY B 228 7.54 25.39 -15.98
CA GLY B 228 8.81 24.87 -15.53
C GLY B 228 9.01 24.77 -14.04
N GLY B 229 8.05 25.23 -13.24
CA GLY B 229 8.14 25.07 -11.80
C GLY B 229 9.30 25.88 -11.25
N MET B 230 10.20 25.21 -10.52
CA MET B 230 11.40 25.87 -9.99
C MET B 230 12.45 26.14 -11.05
N GLY B 231 12.25 25.69 -12.30
CA GLY B 231 13.20 25.96 -13.34
C GLY B 231 14.39 25.04 -13.41
N HIS B 232 14.27 23.83 -12.84
CA HIS B 232 15.42 22.91 -12.83
C HIS B 232 15.95 22.64 -14.23
N ALA B 233 15.06 22.52 -15.22
CA ALA B 233 15.50 22.23 -16.58
C ALA B 233 16.33 23.39 -17.14
N CYS B 234 15.90 24.62 -16.86
CA CYS B 234 16.66 25.79 -17.29
C CYS B 234 18.02 25.84 -16.62
N ILE B 235 18.05 25.57 -15.31
CA ILE B 235 19.31 25.58 -14.55
C ILE B 235 20.27 24.55 -15.11
N ARG B 236 19.79 23.32 -15.32
CA ARG B 236 20.66 22.27 -15.83
C ARG B 236 21.10 22.55 -17.27
N LEU B 237 20.24 23.19 -18.08
CA LEU B 237 20.64 23.54 -19.43
C LEU B 237 21.77 24.57 -19.41
N ARG B 238 21.60 25.65 -18.64
CA ARG B 238 22.67 26.64 -18.51
C ARG B 238 23.94 26.04 -17.91
N GLU B 239 23.80 25.05 -17.03
CA GLU B 239 24.97 24.42 -16.41
C GLU B 239 25.73 23.57 -17.42
N LYS B 240 25.02 22.79 -18.23
CA LYS B 240 25.69 21.87 -19.15
C LYS B 240 26.19 22.57 -20.40
N TYR B 241 25.51 23.63 -20.84
CA TYR B 241 25.85 24.33 -22.08
C TYR B 241 25.99 25.83 -21.78
N PRO B 242 26.99 26.22 -20.99
CA PRO B 242 27.06 27.62 -20.53
C PRO B 242 27.35 28.61 -21.66
N ASN B 243 27.88 28.17 -22.78
CA ASN B 243 28.29 29.05 -23.87
C ASN B 243 27.32 29.07 -25.05
N GLN B 244 26.25 28.28 -25.00
CA GLN B 244 25.26 28.32 -26.07
C GLN B 244 24.46 29.61 -26.02
N PRO B 245 24.44 30.40 -27.09
CA PRO B 245 23.68 31.64 -27.06
C PRO B 245 22.18 31.37 -27.21
N GLY B 246 21.40 32.37 -26.81
CA GLY B 246 19.96 32.27 -26.83
C GLY B 246 19.38 32.46 -25.45
N ARG B 247 18.21 33.11 -25.39
CA ARG B 247 17.55 33.32 -24.11
C ARG B 247 17.06 31.99 -23.56
N VAL B 248 17.08 31.87 -22.23
CA VAL B 248 16.52 30.72 -21.53
C VAL B 248 15.46 31.27 -20.58
N ILE B 249 14.22 30.83 -20.77
CA ILE B 249 13.06 31.49 -20.17
C ILE B 249 12.24 30.47 -19.40
N LEU B 250 12.02 30.74 -18.12
CA LEU B 250 11.15 29.95 -17.26
C LEU B 250 9.76 30.57 -17.26
N GLN B 251 8.75 29.80 -17.68
CA GLN B 251 7.36 30.25 -17.70
C GLN B 251 6.55 29.44 -16.69
N ASP B 252 5.82 30.13 -15.82
CA ASP B 252 4.92 29.50 -14.87
C ASP B 252 3.99 30.57 -14.33
N LEU B 253 3.16 30.21 -13.37
CA LEU B 253 2.29 31.20 -12.78
C LEU B 253 3.04 32.02 -11.73
N PRO B 254 2.61 33.26 -11.47
CA PRO B 254 3.41 34.19 -10.65
C PRO B 254 3.82 33.63 -9.29
N PRO B 255 2.94 32.94 -8.54
CA PRO B 255 3.37 32.45 -7.21
C PRO B 255 4.50 31.43 -7.28
N VAL B 256 4.51 30.61 -8.34
CA VAL B 256 5.56 29.61 -8.48
C VAL B 256 6.87 30.27 -8.92
N LEU B 257 6.79 31.28 -9.80
CA LEU B 257 7.99 32.03 -10.15
C LEU B 257 8.59 32.71 -8.92
N GLN B 258 7.72 33.28 -8.07
CA GLN B 258 8.19 33.89 -6.84
C GLN B 258 8.90 32.87 -5.96
N ALA B 259 8.30 31.68 -5.80
CA ALA B 259 8.95 30.63 -5.03
C ALA B 259 10.28 30.22 -5.65
N ALA B 260 10.38 30.29 -6.98
CA ALA B 260 11.59 29.87 -7.68
C ALA B 260 12.72 30.88 -7.58
N GLN B 261 12.42 32.15 -7.30
CA GLN B 261 13.48 33.16 -7.26
C GLN B 261 14.57 32.80 -6.25
N ALA B 262 14.21 32.15 -5.14
CA ALA B 262 15.17 31.89 -4.08
C ALA B 262 16.32 30.99 -4.56
N THR B 263 16.04 30.09 -5.49
CA THR B 263 17.03 29.12 -5.95
C THR B 263 17.47 29.33 -7.39
N LEU B 264 16.97 30.36 -8.05
CA LEU B 264 17.36 30.63 -9.43
C LEU B 264 18.72 31.32 -9.48
N PRO B 265 19.52 31.05 -10.51
CA PRO B 265 20.76 31.80 -10.72
C PRO B 265 20.48 33.29 -10.86
N LEU B 266 21.47 34.11 -10.50
CA LEU B 266 21.29 35.56 -10.52
C LEU B 266 21.16 36.10 -11.94
N SER B 267 21.77 35.45 -12.93
CA SER B 267 21.62 35.88 -14.32
C SER B 267 21.55 34.66 -15.22
N GLY B 268 21.04 34.89 -16.43
CA GLY B 268 21.02 33.90 -17.49
C GLY B 268 19.69 33.20 -17.70
N ILE B 269 18.77 33.29 -16.74
CA ILE B 269 17.46 32.66 -16.85
C ILE B 269 16.39 33.68 -16.54
N GLU B 270 15.51 33.94 -17.51
CA GLU B 270 14.41 34.88 -17.33
C GLU B 270 13.22 34.19 -16.67
N SER B 271 12.51 34.95 -15.84
CA SER B 271 11.28 34.50 -15.19
C SER B 271 10.13 35.25 -15.85
N MET B 272 9.28 34.53 -16.57
CA MET B 272 8.20 35.15 -17.33
C MET B 272 6.86 34.57 -16.92
N PRO B 273 6.00 35.32 -16.24
CA PRO B 273 4.67 34.78 -15.91
C PRO B 273 3.87 34.50 -17.17
N HIS B 274 3.31 33.29 -17.24
CA HIS B 274 2.55 32.91 -18.43
C HIS B 274 1.68 31.72 -18.08
N ASN B 275 0.40 31.81 -18.42
CA ASN B 275 -0.56 30.72 -18.28
C ASN B 275 -0.58 29.90 -19.56
N PHE B 276 -0.26 28.60 -19.47
CA PHE B 276 -0.11 27.83 -20.70
C PHE B 276 -1.43 27.44 -21.35
N HIS B 277 -2.57 27.86 -20.80
CA HIS B 277 -3.84 27.77 -21.50
C HIS B 277 -4.11 29.00 -22.37
N THR B 278 -3.12 29.87 -22.56
CA THR B 278 -3.25 31.09 -23.35
C THR B 278 -2.15 31.14 -24.39
N PRO B 279 -2.30 31.99 -25.42
CA PRO B 279 -1.31 32.02 -26.50
C PRO B 279 0.11 32.29 -26.02
N GLN B 280 1.05 31.54 -26.59
CA GLN B 280 2.47 31.64 -26.24
C GLN B 280 3.06 32.97 -26.68
N PRO B 281 3.61 33.77 -25.77
CA PRO B 281 4.14 35.08 -26.14
C PRO B 281 5.48 35.07 -26.86
N VAL B 282 6.34 34.09 -26.60
CA VAL B 282 7.69 34.07 -27.16
C VAL B 282 7.64 33.48 -28.57
N GLN B 283 8.05 34.27 -29.56
CA GLN B 283 7.94 33.86 -30.95
C GLN B 283 9.26 33.28 -31.45
N GLY B 284 9.16 32.18 -32.20
CA GLY B 284 10.30 31.61 -32.88
C GLY B 284 11.41 31.05 -32.02
N ALA B 285 11.08 30.59 -30.81
CA ALA B 285 12.09 29.96 -29.98
C ALA B 285 12.52 28.63 -30.58
N LYS B 286 13.74 28.20 -30.26
CA LYS B 286 14.20 26.92 -30.78
C LYS B 286 13.46 25.75 -30.13
N PHE B 287 13.36 25.76 -28.80
CA PHE B 287 12.73 24.67 -28.06
C PHE B 287 11.64 25.22 -27.16
N TYR B 288 10.41 24.73 -27.35
CA TYR B 288 9.32 24.94 -26.39
C TYR B 288 9.18 23.64 -25.62
N PHE B 289 9.45 23.69 -24.32
CA PHE B 289 9.70 22.52 -23.50
C PHE B 289 8.55 22.30 -22.52
N LEU B 290 7.97 21.10 -22.53
CA LEU B 290 6.84 20.75 -21.66
C LEU B 290 7.19 19.46 -20.92
N ARG B 291 7.63 19.58 -19.67
CA ARG B 291 8.02 18.40 -18.89
C ARG B 291 6.95 18.09 -17.85
N LEU B 292 6.38 16.88 -17.95
CA LEU B 292 5.35 16.40 -17.00
C LEU B 292 4.18 17.38 -16.91
N ILE B 293 3.81 17.95 -18.06
CA ILE B 293 2.68 18.87 -18.14
C ILE B 293 1.47 18.17 -18.74
N LEU B 294 1.62 17.65 -19.96
CA LEU B 294 0.48 17.19 -20.72
C LEU B 294 -0.15 15.93 -20.14
N ARG B 295 0.61 15.16 -19.38
CA ARG B 295 0.07 13.96 -18.73
C ARG B 295 -1.09 14.29 -17.80
N ASP B 296 -1.18 15.53 -17.32
CA ASP B 296 -2.17 15.92 -16.33
C ASP B 296 -3.47 16.40 -16.96
N PHE B 297 -3.61 16.29 -18.28
CA PHE B 297 -4.79 16.78 -18.97
C PHE B 297 -5.32 15.72 -19.92
N PRO B 298 -6.65 15.59 -20.02
CA PRO B 298 -7.23 14.77 -21.08
C PRO B 298 -6.92 15.35 -22.46
N ASP B 299 -7.14 14.54 -23.49
CA ASP B 299 -6.67 14.87 -24.84
C ASP B 299 -7.13 16.25 -25.30
N HIS B 300 -8.39 16.62 -25.07
CA HIS B 300 -8.86 17.88 -25.65
C HIS B 300 -8.15 19.07 -25.01
N GLN B 301 -7.86 18.99 -23.71
CA GLN B 301 -7.16 20.10 -23.05
C GLN B 301 -5.66 20.08 -23.34
N ALA B 302 -5.03 18.90 -23.39
CA ALA B 302 -3.64 18.84 -23.80
C ALA B 302 -3.46 19.38 -25.21
N LEU B 303 -4.41 19.05 -26.09
CA LEU B 303 -4.42 19.60 -27.44
C LEU B 303 -4.50 21.11 -27.41
N GLU B 304 -5.38 21.68 -26.57
CA GLU B 304 -5.44 23.13 -26.48
C GLU B 304 -4.11 23.73 -26.05
N ILE B 305 -3.41 23.07 -25.11
CA ILE B 305 -2.11 23.57 -24.69
C ILE B 305 -1.13 23.61 -25.86
N LEU B 306 -1.10 22.55 -26.67
CA LEU B 306 -0.22 22.56 -27.84
C LEU B 306 -0.62 23.61 -28.86
N GLN B 307 -1.93 23.75 -29.09
CA GLN B 307 -2.43 24.70 -30.07
C GLN B 307 -2.12 26.13 -29.68
N ASN B 308 -1.96 26.41 -28.38
CA ASN B 308 -1.56 27.76 -27.99
C ASN B 308 -0.08 28.05 -28.29
N ILE B 309 0.72 27.02 -28.53
CA ILE B 309 2.14 27.20 -28.83
C ILE B 309 2.37 27.25 -30.33
N VAL B 310 1.66 26.42 -31.09
CA VAL B 310 1.91 26.24 -32.52
C VAL B 310 2.00 27.55 -33.29
N PRO B 311 1.12 28.55 -33.08
CA PRO B 311 1.22 29.79 -33.86
C PRO B 311 2.50 30.57 -33.62
N ALA B 312 3.19 30.34 -32.50
CA ALA B 312 4.43 31.04 -32.21
C ALA B 312 5.65 30.41 -32.89
N MET B 313 5.50 29.22 -33.47
CA MET B 313 6.63 28.48 -34.02
C MET B 313 6.99 28.97 -35.42
N ASP B 314 8.28 29.01 -35.72
CA ASP B 314 8.76 29.08 -37.09
C ASP B 314 9.28 27.70 -37.50
N ALA B 315 9.86 27.61 -38.69
CA ALA B 315 10.24 26.31 -39.24
C ALA B 315 11.30 25.60 -38.40
N GLU B 316 12.16 26.36 -37.72
CA GLU B 316 13.18 25.73 -36.88
C GLU B 316 12.69 25.43 -35.47
N SER B 317 11.55 25.99 -35.06
CA SER B 317 11.03 25.73 -33.72
C SER B 317 10.68 24.26 -33.53
N ARG B 318 10.85 23.80 -32.31
CA ARG B 318 10.45 22.45 -31.93
C ARG B 318 9.69 22.52 -30.62
N ILE B 319 8.68 21.68 -30.48
CA ILE B 319 8.06 21.43 -29.19
C ILE B 319 8.65 20.15 -28.64
N VAL B 320 9.17 20.20 -27.42
CA VAL B 320 9.79 19.05 -26.79
C VAL B 320 8.86 18.62 -25.66
N ILE B 321 8.23 17.47 -25.81
CA ILE B 321 7.40 16.90 -24.76
C ILE B 321 8.27 15.92 -23.99
N ASP B 322 8.53 16.21 -22.72
CA ASP B 322 9.34 15.37 -21.83
C ASP B 322 8.36 14.76 -20.84
N ASP B 323 8.09 13.47 -20.98
CA ASP B 323 6.98 12.87 -20.23
C ASP B 323 7.13 11.36 -20.28
N GLY B 324 6.18 10.66 -19.64
CA GLY B 324 6.22 9.22 -19.67
C GLY B 324 5.79 8.69 -21.01
N VAL B 325 6.49 7.65 -21.48
CA VAL B 325 6.15 6.99 -22.74
C VAL B 325 6.08 5.49 -22.48
N PRO B 326 5.05 5.02 -21.77
CA PRO B 326 4.99 3.60 -21.43
C PRO B 326 4.85 2.74 -22.67
N PRO B 327 5.30 1.49 -22.60
CA PRO B 327 5.26 0.62 -23.77
C PRO B 327 3.85 0.14 -24.08
N GLU B 328 3.70 -0.41 -25.29
CA GLU B 328 2.44 -1.01 -25.71
C GLU B 328 2.06 -2.18 -24.81
N LYS B 329 3.05 -2.92 -24.31
CA LYS B 329 2.79 -4.04 -23.42
C LYS B 329 3.92 -4.17 -22.42
N GLY B 330 3.64 -4.89 -21.33
CA GLY B 330 4.64 -5.08 -20.29
C GLY B 330 4.97 -3.83 -19.50
N ALA B 331 4.05 -2.88 -19.41
CA ALA B 331 4.32 -1.67 -18.65
C ALA B 331 4.48 -1.98 -17.17
N ARG B 332 5.34 -1.22 -16.50
CA ARG B 332 5.72 -1.42 -15.11
C ARG B 332 4.73 -0.70 -14.17
N TRP B 333 4.77 -1.09 -12.89
CA TRP B 333 3.80 -0.56 -11.93
C TRP B 333 3.93 0.94 -11.77
N ALA B 334 5.14 1.49 -11.90
CA ALA B 334 5.33 2.92 -11.67
C ALA B 334 4.88 3.76 -12.86
N GLU B 335 4.47 3.15 -13.96
CA GLU B 335 3.89 3.86 -15.08
C GLU B 335 2.47 3.42 -15.40
N THR B 336 1.90 2.47 -14.64
CA THR B 336 0.47 2.15 -14.72
C THR B 336 -0.30 2.62 -13.50
N GLY B 337 0.30 2.54 -12.31
CA GLY B 337 -0.34 3.15 -11.15
C GLY B 337 -0.53 4.64 -11.33
N THR B 338 0.45 5.30 -11.95
CA THR B 338 0.28 6.71 -12.31
C THR B 338 -0.96 6.88 -13.16
N ASP B 339 -1.13 6.02 -14.16
CA ASP B 339 -2.30 6.11 -15.05
C ASP B 339 -3.61 6.02 -14.27
N ILE B 340 -3.71 5.08 -13.32
CA ILE B 340 -4.93 4.97 -12.54
C ILE B 340 -5.14 6.22 -11.68
N CYS B 341 -4.07 6.75 -11.08
CA CYS B 341 -4.20 7.92 -10.23
C CYS B 341 -4.63 9.15 -11.00
N ILE B 342 -4.01 9.41 -12.14
CA ILE B 342 -4.36 10.62 -12.89
C ILE B 342 -5.70 10.45 -13.59
N MET B 343 -6.09 9.21 -13.94
CA MET B 343 -7.47 9.00 -14.35
C MET B 343 -8.43 9.43 -13.27
N SER B 344 -8.20 8.97 -12.04
CA SER B 344 -9.17 9.17 -10.97
C SER B 344 -9.22 10.61 -10.48
N ALA B 345 -8.09 11.32 -10.49
CA ALA B 345 -8.06 12.69 -9.98
C ALA B 345 -8.23 13.73 -11.07
N LEU B 346 -7.67 13.50 -12.26
CA LEU B 346 -7.53 14.54 -13.28
C LEU B 346 -8.28 14.23 -14.56
N GLY B 347 -8.83 13.03 -14.72
CA GLY B 347 -9.42 12.64 -15.98
C GLY B 347 -8.43 12.41 -17.12
N SER B 348 -7.14 12.37 -16.85
CA SER B 348 -6.12 12.25 -17.88
C SER B 348 -5.62 10.81 -17.96
N LYS B 349 -4.44 10.60 -18.54
CA LYS B 349 -3.98 9.25 -18.84
C LYS B 349 -2.49 9.28 -19.19
N GLU B 350 -1.81 8.16 -18.96
CA GLU B 350 -0.50 7.95 -19.57
C GLU B 350 -0.69 7.64 -21.05
N ARG B 351 0.31 8.02 -21.85
CA ARG B 351 0.22 7.88 -23.30
C ARG B 351 1.42 7.12 -23.84
N THR B 352 1.14 6.09 -24.64
CA THR B 352 2.19 5.42 -25.40
C THR B 352 2.75 6.37 -26.45
N GLN B 353 3.86 5.97 -27.08
CA GLN B 353 4.42 6.78 -28.15
C GLN B 353 3.40 7.04 -29.24
N ARG B 354 2.67 6.00 -29.66
CA ARG B 354 1.69 6.16 -30.72
C ARG B 354 0.58 7.12 -30.30
N GLN B 355 0.18 7.09 -29.02
CA GLN B 355 -0.85 8.01 -28.56
C GLN B 355 -0.34 9.45 -28.50
N TRP B 356 0.93 9.63 -28.10
CA TRP B 356 1.51 10.97 -28.16
C TRP B 356 1.53 11.49 -29.59
N GLU B 357 1.89 10.63 -30.55
CA GLU B 357 1.95 11.07 -31.94
C GLU B 357 0.56 11.41 -32.48
N GLU B 358 -0.47 10.64 -32.11
CA GLU B 358 -1.82 10.98 -32.54
C GLU B 358 -2.25 12.33 -31.99
N LEU B 359 -2.04 12.54 -30.68
CA LEU B 359 -2.40 13.80 -30.05
C LEU B 359 -1.67 14.97 -30.71
N ALA B 360 -0.37 14.83 -30.93
CA ALA B 360 0.40 15.92 -31.52
C ALA B 360 -0.01 16.17 -32.97
N ALA B 361 -0.37 15.12 -33.70
CA ALA B 361 -0.81 15.30 -35.07
C ALA B 361 -2.08 16.13 -35.14
N LYS B 362 -2.94 16.03 -34.12
CA LYS B 362 -4.10 16.92 -34.09
C LYS B 362 -3.71 18.39 -34.01
N ALA B 363 -2.50 18.71 -33.54
CA ALA B 363 -2.02 20.09 -33.49
C ALA B 363 -1.19 20.47 -34.71
N GLY B 364 -1.06 19.57 -35.69
CA GLY B 364 -0.19 19.82 -36.83
C GLY B 364 1.26 19.53 -36.58
N LEU B 365 1.57 18.68 -35.62
CA LEU B 365 2.95 18.38 -35.24
C LEU B 365 3.34 16.98 -35.68
N GLN B 366 4.62 16.82 -35.99
CA GLN B 366 5.19 15.56 -36.44
C GLN B 366 6.40 15.22 -35.60
N LEU B 367 6.49 13.96 -35.17
CA LEU B 367 7.62 13.52 -34.37
C LEU B 367 8.89 13.42 -35.22
N GLN B 368 9.91 14.03 -34.86
CA GLN B 368 11.24 14.04 -35.43
C GLN B 368 12.20 13.09 -34.73
N ALA B 369 12.20 13.06 -33.43
CA ALA B 369 13.15 12.25 -32.68
C ALA B 369 12.59 12.00 -31.29
N LEU B 370 13.06 10.91 -30.68
CA LEU B 370 12.65 10.53 -29.34
C LEU B 370 13.88 10.09 -28.57
N TYR B 371 14.17 10.75 -27.45
CA TYR B 371 15.39 10.52 -26.69
C TYR B 371 15.04 10.04 -25.29
N GLN B 372 15.01 8.71 -25.11
CA GLN B 372 14.75 8.13 -23.79
C GLN B 372 15.91 8.43 -22.85
N TYR B 373 15.59 8.67 -21.56
CA TYR B 373 16.64 8.92 -20.58
C TYR B 373 16.43 8.22 -19.23
N THR B 374 15.34 7.47 -19.04
CA THR B 374 15.21 6.58 -17.90
C THR B 374 14.78 5.20 -18.39
N TRP B 375 15.16 4.17 -17.61
CA TRP B 375 14.84 2.76 -17.86
C TRP B 375 14.70 2.11 -16.50
N PRO B 376 13.82 1.09 -16.36
CA PRO B 376 12.94 0.53 -17.40
C PRO B 376 11.65 1.34 -17.59
N VAL B 377 11.25 2.12 -16.59
CA VAL B 377 10.13 3.05 -16.80
C VAL B 377 10.58 4.15 -17.74
N VAL B 378 9.80 4.37 -18.79
CA VAL B 378 10.23 5.21 -19.91
C VAL B 378 9.85 6.66 -19.66
N ASN B 379 10.85 7.53 -19.51
CA ASN B 379 10.69 8.95 -19.71
C ASN B 379 11.56 9.36 -20.88
N ALA B 380 11.03 10.21 -21.76
CA ALA B 380 11.76 10.56 -22.96
C ALA B 380 11.43 11.99 -23.35
N ALA B 381 12.39 12.65 -24.00
CA ALA B 381 12.18 13.94 -24.64
C ALA B 381 11.78 13.69 -26.09
N MET B 382 10.52 13.97 -26.42
CA MET B 382 9.99 13.79 -27.76
C MET B 382 10.03 15.12 -28.48
N VAL B 383 10.68 15.16 -29.64
CA VAL B 383 10.91 16.39 -30.38
C VAL B 383 9.94 16.45 -31.56
N PHE B 384 9.06 17.45 -31.56
CA PHE B 384 8.05 17.62 -32.59
C PHE B 384 8.31 18.89 -33.38
N SER B 385 8.06 18.84 -34.70
CA SER B 385 8.12 20.00 -35.56
C SER B 385 6.76 20.23 -36.21
N LEU B 386 6.63 21.40 -36.83
CA LEU B 386 5.45 21.67 -37.66
C LEU B 386 5.41 20.71 -38.85
N GLN B 387 4.19 20.56 -39.39
CA GLN B 387 3.82 19.66 -40.50
C GLN B 387 3.51 18.27 -40.01
N SAM C . -12.09 -18.23 16.85
CA SAM C . -12.36 -17.89 15.46
C SAM C . -11.39 -18.61 14.54
O SAM C . -11.79 -19.34 13.63
OXT SAM C . -10.17 -18.50 14.67
CB SAM C . -12.26 -16.37 15.27
CG SAM C . -13.45 -15.80 14.52
SD SAM C . -13.56 -14.00 14.56
CE SAM C . -11.86 -13.44 14.77
C5' SAM C . -14.27 -13.64 16.19
C4' SAM C . -15.50 -14.47 16.54
O4' SAM C . -15.99 -14.01 17.78
C3' SAM C . -16.64 -14.34 15.53
O3' SAM C . -17.08 -15.63 15.13
C2' SAM C . -17.71 -13.59 16.30
O2' SAM C . -19.05 -13.91 15.96
C1' SAM C . -17.40 -13.99 17.72
N9 SAM C . -17.92 -13.06 18.72
C8 SAM C . -17.91 -11.69 18.69
N7 SAM C . -18.49 -11.23 19.82
C5 SAM C . -18.85 -12.32 20.57
C6 SAM C . -19.48 -12.45 21.81
N6 SAM C . -19.82 -11.38 22.50
N1 SAM C . -19.72 -13.71 22.32
C2 SAM C . -19.36 -14.83 21.60
N3 SAM C . -18.75 -14.70 20.37
C4 SAM C . -18.51 -13.46 19.88
CS MTA D . -6.56 -10.83 6.61
S5' MTA D . -8.17 -10.43 7.21
C5' MTA D . -7.73 -9.66 8.73
C4' MTA D . -7.09 -8.30 8.47
O4' MTA D . -7.98 -7.23 8.75
C2' MTA D . -6.40 -7.20 10.50
O2' MTA D . -5.39 -6.21 10.77
C3' MTA D . -5.91 -8.10 9.38
O3' MTA D . -4.89 -7.44 8.62
C1' MTA D . -7.64 -6.53 9.95
N9 MTA D . -8.87 -6.70 10.77
C8 MTA D . -9.51 -7.88 10.90
N7 MTA D . -10.62 -7.78 11.66
C5 MTA D . -10.71 -6.49 12.04
C6 MTA D . -11.67 -5.72 12.87
N6 MTA D . -12.74 -6.32 13.43
N1 MTA D . -11.42 -4.40 13.02
C2 MTA D . -10.35 -3.81 12.45
N3 MTA D . -9.46 -4.46 11.70
C4 MTA D . -9.57 -5.79 11.45
N SAM E . 8.04 21.07 -15.82
CA SAM E . 7.99 20.97 -14.37
C SAM E . 9.12 20.09 -13.84
O SAM E . 9.49 19.09 -14.45
OXT SAM E . 9.69 20.36 -12.79
CB SAM E . 6.64 20.41 -13.94
CG SAM E . 6.21 20.89 -12.56
SD SAM E . 4.53 20.40 -12.12
CE SAM E . 4.34 18.73 -12.78
C5' SAM E . 3.44 21.36 -13.20
C4' SAM E . 3.87 22.83 -13.29
O4' SAM E . 2.92 23.49 -14.11
C3' SAM E . 3.84 23.53 -11.93
O3' SAM E . 5.01 24.29 -11.77
C2' SAM E . 2.64 24.45 -11.99
O2' SAM E . 2.86 25.66 -11.30
C1' SAM E . 2.56 24.71 -13.49
N9 SAM E . 1.22 25.12 -13.94
C8 SAM E . -0.01 24.63 -13.59
N7 SAM E . -0.95 25.29 -14.30
C5 SAM E . -0.33 26.21 -15.09
C6 SAM E . -0.79 27.13 -16.00
N6 SAM E . -2.10 27.27 -16.24
N1 SAM E . 0.12 27.92 -16.67
C2 SAM E . 1.47 27.80 -16.44
N3 SAM E . 1.94 26.88 -15.53
C4 SAM E . 1.03 26.10 -14.87
CS MTA F . 6.06 12.00 -6.68
S5' MTA F . 4.54 12.84 -6.95
C5' MTA F . 3.93 11.95 -8.35
C4' MTA F . 2.45 11.62 -8.10
O4' MTA F . 1.64 12.79 -8.15
C2' MTA F . 0.47 11.20 -9.42
O2' MTA F . -0.50 10.18 -9.16
C3' MTA F . 1.86 10.66 -9.12
O3' MTA F . 1.76 9.36 -8.52
C1' MTA F . 0.31 12.31 -8.41
N9 MTA F . -0.68 13.38 -8.73
C8 MTA F . -1.98 13.16 -9.02
N7 MTA F . -2.64 14.34 -9.21
C5 MTA F . -1.75 15.34 -9.03
C6 MTA F . -1.78 16.81 -9.08
N6 MTA F . -2.92 17.48 -9.38
N1 MTA F . -0.64 17.49 -8.83
C2 MTA F . 0.51 16.84 -8.52
N3 MTA F . 0.61 15.49 -8.46
C4 MTA F . -0.47 14.70 -8.70
#